data_2Y4E
#
_entry.id   2Y4E
#
_cell.length_a   82.952
_cell.length_b   86.622
_cell.length_c   120.674
_cell.angle_alpha   90.00
_cell.angle_beta   90.00
_cell.angle_gamma   90.00
#
_symmetry.space_group_name_H-M   'P 21 21 21'
#
loop_
_entity.id
_entity.type
_entity.pdbx_description
1 polymer 'PEROXIDASE YCDB'
2 non-polymer 'PROTOPORPHYRIN IX'
3 non-polymer 'SULFATE ION'
4 non-polymer 'TETRAETHYLENE GLYCOL'
5 water water
#
_entity_poly.entity_id   1
_entity_poly.type   'polypeptide(L)'
_entity_poly.pdbx_seq_one_letter_code
;MAHHHHHHVDDDDKIQKTQSAPGTLSPDARNEKQPFYGEHQAGILTPQQAAMMLVAFDVLASDKADLERLFRLLTQRFAF
LTQGGAAPETPNPRLPPLDSGILGGYIAPDNLTITLSVGHSLFDERFGLAPQMPKKLQKMTRFPNDSLDAALCHGDVLLQ
ICANTQDTVIHALRDIIKHTPDLLSVRWKREGFISDHAARSKGKETPINLLGFKDGTANPDSQNDKLMQKVVWVTADQQE
PAWTIGGSYQAVRLIQFRVEFWDRTPLKEQQTIFGRDKQTGAPLGMQHEHDVPDYASDPEGKVIALDSHIRLANPRTAES
ESSLMLRRGYSYSLGVTNSGQLDMGLLFVCYQHDLEKGFLTVQKRLNGEALEEYVKPIGGGYFFALPGVKDANDYFGSAL
LRV
;
_entity_poly.pdbx_strand_id   A,B
#
# COMPACT_ATOMS: atom_id res chain seq x y z
N SER A 20 -18.40 15.07 -2.72
CA SER A 20 -18.24 16.04 -1.57
C SER A 20 -16.81 16.58 -1.43
N ALA A 21 -16.63 17.54 -0.53
CA ALA A 21 -15.33 18.20 -0.33
C ALA A 21 -14.30 17.29 0.37
N PRO A 22 -13.01 17.40 -0.04
CA PRO A 22 -12.49 18.40 -0.99
C PRO A 22 -12.52 17.98 -2.46
N GLY A 23 -13.10 16.81 -2.75
CA GLY A 23 -13.15 16.25 -4.09
C GLY A 23 -12.04 15.23 -4.27
N THR A 24 -12.01 14.60 -5.45
CA THR A 24 -10.94 13.65 -5.79
C THR A 24 -10.37 13.94 -7.19
N LEU A 25 -9.14 13.47 -7.39
CA LEU A 25 -8.40 13.59 -8.63
C LEU A 25 -8.09 12.20 -9.17
N SER A 26 -8.22 12.04 -10.48
CA SER A 26 -8.05 10.70 -11.08
C SER A 26 -6.58 10.28 -11.19
N PRO A 27 -6.29 9.02 -10.80
CA PRO A 27 -4.93 8.44 -10.78
C PRO A 27 -4.26 8.20 -12.13
N ASP A 28 -4.94 8.49 -13.23
CA ASP A 28 -4.38 8.21 -14.56
C ASP A 28 -3.58 9.38 -15.14
N ALA A 29 -3.71 10.56 -14.50
CA ALA A 29 -3.24 11.81 -15.08
C ALA A 29 -1.81 12.19 -14.68
N ARG A 30 -0.80 11.59 -15.30
CA ARG A 30 0.58 11.79 -14.89
C ARG A 30 1.14 13.19 -15.17
N ASN A 31 0.54 13.91 -16.13
CA ASN A 31 0.98 15.25 -16.46
C ASN A 31 0.18 16.35 -15.78
N GLU A 32 -0.66 15.98 -14.83
CA GLU A 32 -1.40 16.95 -14.01
C GLU A 32 -0.49 17.59 -12.96
N LYS A 33 -0.67 18.89 -12.73
CA LYS A 33 0.17 19.68 -11.85
C LYS A 33 -0.63 20.36 -10.78
N GLN A 34 -0.10 20.36 -9.56
CA GLN A 34 -0.62 21.21 -8.49
C GLN A 34 0.39 22.32 -8.21
N PRO A 35 -0.11 23.54 -8.01
CA PRO A 35 0.81 24.65 -7.73
C PRO A 35 1.48 24.47 -6.38
N PHE A 36 2.81 24.38 -6.39
CA PHE A 36 3.57 24.28 -5.17
C PHE A 36 3.55 25.61 -4.44
N TYR A 37 3.64 26.71 -5.18
CA TYR A 37 3.84 28.04 -4.56
C TYR A 37 2.55 28.78 -4.37
N GLY A 38 2.55 29.72 -3.44
CA GLY A 38 1.36 30.52 -3.21
C GLY A 38 1.20 30.87 -1.76
N GLU A 39 0.06 31.47 -1.46
CA GLU A 39 -0.26 31.99 -0.14
C GLU A 39 -0.39 30.86 0.89
N HIS A 40 -0.97 29.74 0.45
CA HIS A 40 -1.12 28.53 1.26
C HIS A 40 -0.37 27.38 0.59
N GLN A 41 -0.04 26.37 1.40
CA GLN A 41 0.50 25.13 0.87
C GLN A 41 -0.62 24.33 0.18
N ALA A 42 -0.27 23.57 -0.85
CA ALA A 42 -1.22 22.59 -1.41
C ALA A 42 -1.25 21.34 -0.53
N GLY A 43 -2.15 20.41 -0.87
CA GLY A 43 -2.40 19.18 -0.09
C GLY A 43 -3.30 19.38 1.11
N ILE A 44 -3.93 20.55 1.18
CA ILE A 44 -4.83 20.93 2.28
C ILE A 44 -6.23 21.15 1.75
N LEU A 45 -6.41 22.11 0.85
CA LEU A 45 -7.68 22.29 0.11
C LEU A 45 -7.76 21.47 -1.17
N THR A 46 -6.60 21.05 -1.68
CA THR A 46 -6.50 20.27 -2.88
C THR A 46 -7.41 19.04 -2.82
N PRO A 47 -8.24 18.81 -3.85
CA PRO A 47 -8.95 17.54 -3.87
C PRO A 47 -8.01 16.33 -3.68
N GLN A 48 -8.53 15.27 -3.09
CA GLN A 48 -7.73 14.10 -2.71
C GLN A 48 -7.21 13.26 -3.88
N GLN A 49 -5.91 13.17 -4.00
CA GLN A 49 -5.26 12.26 -4.92
C GLN A 49 -5.38 10.82 -4.39
N ALA A 50 -5.21 9.85 -5.28
CA ALA A 50 -5.42 8.46 -4.92
C ALA A 50 -4.40 7.87 -3.93
N ALA A 51 -3.19 8.42 -3.85
CA ALA A 51 -2.17 7.84 -2.96
C ALA A 51 -1.56 8.85 -2.01
N MET A 52 -1.27 8.40 -0.79
CA MET A 52 -0.78 9.30 0.23
C MET A 52 0.35 8.61 0.97
N MET A 53 1.25 9.41 1.54
CA MET A 53 2.18 8.96 2.58
C MET A 53 2.29 10.04 3.66
N LEU A 54 2.15 9.61 4.91
CA LEU A 54 2.49 10.45 6.06
C LEU A 54 3.85 9.93 6.54
N VAL A 55 4.84 10.79 6.58
CA VAL A 55 6.16 10.40 7.08
C VAL A 55 6.65 11.49 8.06
N ALA A 56 6.90 11.08 9.30
CA ALA A 56 7.43 11.96 10.35
C ALA A 56 8.94 11.79 10.44
N PHE A 57 9.63 12.87 10.71
CA PHE A 57 11.08 12.84 10.82
C PHE A 57 11.49 13.42 12.19
N ASP A 58 12.61 12.95 12.73
CA ASP A 58 13.32 13.72 13.74
C ASP A 58 14.24 14.72 13.03
N VAL A 59 14.39 15.92 13.59
CA VAL A 59 15.31 16.89 12.95
C VAL A 59 16.74 16.76 13.48
N LEU A 60 17.70 16.62 12.59
CA LEU A 60 19.11 16.43 13.01
C LEU A 60 19.95 17.67 12.89
N ALA A 61 19.29 18.79 12.58
CA ALA A 61 19.97 20.08 12.58
C ALA A 61 20.26 20.45 14.03
N SER A 62 21.49 20.93 14.30
CA SER A 62 21.93 21.24 15.68
C SER A 62 21.62 22.67 16.13
N ASP A 63 21.62 23.60 15.18
CA ASP A 63 21.29 25.00 15.45
C ASP A 63 20.37 25.60 14.38
N LYS A 64 19.91 26.81 14.63
CA LYS A 64 18.98 27.50 13.76
C LYS A 64 19.54 27.61 12.33
N ALA A 65 20.85 27.80 12.22
CA ALA A 65 21.49 27.91 10.91
C ALA A 65 21.22 26.68 10.05
N ASP A 66 21.23 25.52 10.68
CA ASP A 66 21.07 24.26 9.98
C ASP A 66 19.60 24.00 9.69
N LEU A 67 18.74 24.50 10.56
CA LEU A 67 17.30 24.42 10.36
C LEU A 67 16.93 25.15 9.08
N GLU A 68 17.43 26.38 8.96
CA GLU A 68 17.25 27.20 7.78
C GLU A 68 17.81 26.49 6.58
N ARG A 69 19.02 25.98 6.69
CA ARG A 69 19.59 25.23 5.58
C ARG A 69 18.64 24.14 5.08
N LEU A 70 17.98 23.46 6.03
CA LEU A 70 17.03 22.37 5.77
C LEU A 70 15.76 22.89 5.10
N PHE A 71 15.16 23.90 5.71
CA PHE A 71 13.98 24.56 5.16
C PHE A 71 14.20 25.09 3.74
N ARG A 72 15.36 25.66 3.48
CA ARG A 72 15.66 26.14 2.13
C ARG A 72 15.80 24.95 1.19
N LEU A 73 16.47 23.90 1.64
CA LEU A 73 16.65 22.69 0.85
C LEU A 73 15.34 21.92 0.54
N LEU A 74 14.41 21.89 1.49
CA LEU A 74 13.13 21.21 1.25
C LEU A 74 12.31 22.02 0.22
N THR A 75 12.41 23.34 0.29
CA THR A 75 11.76 24.20 -0.69
C THR A 75 12.16 23.86 -2.13
N GLN A 76 13.45 23.71 -2.36
CA GLN A 76 13.98 23.41 -3.67
C GLN A 76 13.62 22.00 -4.14
N ARG A 77 13.70 21.02 -3.23
CA ARG A 77 13.36 19.65 -3.60
C ARG A 77 11.85 19.58 -3.94
N PHE A 78 11.02 20.16 -3.07
CA PHE A 78 9.59 20.09 -3.24
C PHE A 78 9.16 20.81 -4.55
N ALA A 79 9.77 21.95 -4.84
CA ALA A 79 9.46 22.69 -6.09
C ALA A 79 9.81 21.84 -7.32
N PHE A 80 10.87 21.07 -7.22
CA PHE A 80 11.28 20.29 -8.37
C PHE A 80 10.36 19.07 -8.58
N LEU A 81 10.13 18.30 -7.51
CA LEU A 81 9.31 17.10 -7.55
C LEU A 81 7.86 17.39 -7.99
N THR A 82 7.27 18.44 -7.44
CA THR A 82 5.86 18.68 -7.67
C THR A 82 5.58 19.21 -9.07
N GLN A 83 6.56 19.84 -9.68
CA GLN A 83 6.37 20.33 -11.02
C GLN A 83 6.86 19.34 -12.07
N GLY A 84 7.75 18.44 -11.68
CA GLY A 84 8.26 17.41 -12.58
C GLY A 84 9.47 17.84 -13.37
N GLY A 85 10.04 16.88 -14.10
CA GLY A 85 11.17 17.14 -14.96
C GLY A 85 11.94 15.89 -15.27
N ALA A 86 12.82 15.98 -16.27
CA ALA A 86 13.76 14.93 -16.58
C ALA A 86 14.52 14.64 -15.31
N ALA A 87 14.74 13.35 -15.04
CA ALA A 87 15.51 12.96 -13.85
C ALA A 87 16.90 13.54 -13.97
N PRO A 88 17.41 14.15 -12.87
CA PRO A 88 18.77 14.69 -12.90
C PRO A 88 19.77 13.62 -13.29
N GLU A 89 20.45 13.82 -14.43
CA GLU A 89 21.42 12.85 -14.96
C GLU A 89 22.65 12.81 -14.05
N THR A 90 23.30 11.66 -14.00
CA THR A 90 24.49 11.50 -13.19
C THR A 90 25.70 11.31 -14.11
N PRO A 91 26.42 12.41 -14.43
CA PRO A 91 27.50 12.34 -15.41
C PRO A 91 28.73 11.55 -14.90
N ASN A 92 29.00 11.64 -13.60
CA ASN A 92 30.09 10.90 -12.95
C ASN A 92 29.58 9.70 -12.14
N PRO A 93 29.58 8.50 -12.74
CA PRO A 93 28.95 7.34 -12.11
C PRO A 93 29.73 6.74 -10.93
N ARG A 94 30.82 7.38 -10.53
CA ARG A 94 31.52 6.98 -9.32
C ARG A 94 30.89 7.67 -8.14
N LEU A 95 29.96 8.56 -8.42
CA LEU A 95 29.08 9.16 -7.41
C LEU A 95 27.76 8.37 -7.36
N PRO A 96 27.01 8.47 -6.23
CA PRO A 96 25.67 7.86 -6.20
C PRO A 96 24.80 8.49 -7.28
N PRO A 97 23.82 7.75 -7.80
CA PRO A 97 22.91 8.38 -8.75
C PRO A 97 22.22 9.59 -8.11
N LEU A 98 22.06 10.67 -8.86
CA LEU A 98 21.35 11.84 -8.35
C LEU A 98 19.85 11.56 -8.23
N ASP A 99 19.36 10.51 -8.88
CA ASP A 99 17.99 10.07 -8.80
C ASP A 99 17.92 8.56 -8.59
N SER A 100 16.91 8.10 -7.83
CA SER A 100 16.72 6.68 -7.51
C SER A 100 16.40 5.83 -8.73
N GLY A 101 15.85 6.46 -9.77
CA GLY A 101 15.55 5.77 -11.03
C GLY A 101 14.30 4.92 -11.00
N ILE A 102 13.52 5.01 -9.92
CA ILE A 102 12.37 4.08 -9.75
C ILE A 102 11.18 4.59 -10.57
N LEU A 103 11.32 5.81 -11.08
CA LEU A 103 10.37 6.38 -12.03
C LEU A 103 10.87 6.38 -13.49
N GLY A 104 12.08 5.93 -13.76
CA GLY A 104 12.61 5.99 -15.12
C GLY A 104 13.22 7.36 -15.39
N GLY A 105 13.34 7.72 -16.67
CA GLY A 105 13.96 9.00 -17.06
C GLY A 105 13.18 10.25 -16.68
N TYR A 106 11.87 10.14 -16.53
CA TYR A 106 11.06 11.34 -16.36
C TYR A 106 10.33 11.36 -15.02
N ILE A 107 10.56 12.40 -14.23
CA ILE A 107 9.86 12.56 -12.96
C ILE A 107 8.57 13.33 -13.26
N ALA A 108 7.51 12.60 -13.61
CA ALA A 108 6.21 13.22 -13.90
C ALA A 108 5.60 13.87 -12.67
N PRO A 109 4.84 14.98 -12.85
CA PRO A 109 4.29 15.70 -11.71
C PRO A 109 3.26 14.85 -10.97
N ASP A 110 2.48 14.11 -11.74
CA ASP A 110 1.51 13.18 -11.20
C ASP A 110 0.64 13.72 -10.06
N ASN A 111 0.21 14.99 -10.18
CA ASN A 111 -0.61 15.63 -9.12
C ASN A 111 0.05 15.68 -7.73
N LEU A 112 1.39 15.61 -7.68
CA LEU A 112 2.08 15.59 -6.42
C LEU A 112 1.87 16.87 -5.62
N THR A 113 1.57 16.70 -4.33
CA THR A 113 1.65 17.78 -3.38
C THR A 113 2.43 17.24 -2.18
N ILE A 114 3.24 18.10 -1.58
CA ILE A 114 4.03 17.79 -0.40
C ILE A 114 3.76 18.89 0.59
N THR A 115 3.15 18.55 1.71
CA THR A 115 2.79 19.50 2.76
C THR A 115 3.65 19.34 4.03
N LEU A 116 4.45 20.38 4.35
CA LEU A 116 5.32 20.40 5.52
C LEU A 116 4.58 20.92 6.76
N SER A 117 4.63 20.14 7.84
CA SER A 117 4.15 20.64 9.14
C SER A 117 5.17 20.40 10.21
N VAL A 118 5.13 21.19 11.26
CA VAL A 118 6.13 21.14 12.30
C VAL A 118 5.50 20.75 13.64
N GLY A 119 6.15 19.85 14.36
CA GLY A 119 5.64 19.42 15.69
C GLY A 119 6.01 20.32 16.88
N HIS A 120 5.21 20.25 17.93
CA HIS A 120 5.53 20.90 19.23
C HIS A 120 7.01 20.87 19.59
N SER A 121 7.69 19.76 19.33
CA SER A 121 9.07 19.60 19.77
C SER A 121 10.05 20.48 19.00
N LEU A 122 9.64 20.95 17.83
CA LEU A 122 10.52 21.82 17.03
C LEU A 122 10.77 23.11 17.80
N PHE A 123 9.80 23.44 18.64
CA PHE A 123 9.79 24.69 19.37
C PHE A 123 10.42 24.54 20.74
N ASP A 124 11.37 23.61 20.84
CA ASP A 124 12.12 23.47 22.07
C ASP A 124 13.38 24.36 22.12
N GLU A 125 14.34 24.01 22.96
CA GLU A 125 15.46 24.90 23.22
C GLU A 125 16.49 24.92 22.10
N ARG A 126 16.38 23.94 21.19
CA ARG A 126 17.34 23.81 20.10
C ARG A 126 17.47 25.03 19.19
N PHE A 127 16.35 25.59 18.77
CA PHE A 127 16.42 26.52 17.65
C PHE A 127 15.96 27.91 18.02
N GLY A 128 15.75 28.15 19.30
CA GLY A 128 15.37 29.49 19.76
C GLY A 128 13.96 29.83 19.34
N LEU A 129 13.15 28.82 19.04
CA LEU A 129 11.84 29.09 18.46
C LEU A 129 10.71 29.15 19.44
N ALA A 130 10.98 28.79 20.69
CA ALA A 130 9.96 28.76 21.76
C ALA A 130 8.98 29.94 21.82
N PRO A 131 9.47 31.19 21.67
CA PRO A 131 8.48 32.29 21.68
C PRO A 131 7.57 32.35 20.45
N GLN A 132 7.94 31.68 19.36
CA GLN A 132 7.18 31.76 18.11
C GLN A 132 6.14 30.65 17.97
N MET A 133 6.07 29.81 19.00
CA MET A 133 5.19 28.65 18.97
C MET A 133 3.71 29.00 18.84
N PRO A 134 3.01 28.34 17.90
CA PRO A 134 1.55 28.50 17.73
C PRO A 134 0.79 28.28 19.04
N LYS A 135 -0.13 29.19 19.36
CA LYS A 135 -0.81 29.24 20.67
C LYS A 135 -1.38 27.91 21.16
N LYS A 136 -1.90 27.11 20.24
CA LYS A 136 -2.66 25.94 20.59
C LYS A 136 -1.87 24.67 20.27
N LEU A 137 -0.65 24.82 19.75
CA LEU A 137 0.15 23.64 19.44
C LEU A 137 0.61 22.95 20.73
N GLN A 138 0.37 21.64 20.81
CA GLN A 138 0.72 20.83 21.97
C GLN A 138 1.05 19.43 21.50
N LYS A 139 1.86 18.71 22.26
CA LYS A 139 2.08 17.26 22.06
C LYS A 139 0.75 16.57 22.17
N MET A 140 0.47 15.62 21.31
CA MET A 140 -0.77 14.87 21.46
C MET A 140 -0.66 13.99 22.72
N THR A 141 -1.72 14.02 23.56
CA THR A 141 -1.87 13.13 24.70
C THR A 141 -3.15 12.36 24.51
N ARG A 142 -3.23 11.16 25.08
CA ARG A 142 -4.31 10.20 24.78
C ARG A 142 -5.73 10.67 25.14
N PHE A 143 -6.66 10.20 24.31
CA PHE A 143 -8.09 10.16 24.62
C PHE A 143 -8.45 8.78 25.19
N PRO A 144 -9.58 8.67 25.89
CA PRO A 144 -9.93 7.47 26.66
C PRO A 144 -9.79 6.14 25.95
N ASN A 145 -10.05 6.12 24.64
CA ASN A 145 -10.04 4.91 23.88
C ASN A 145 -8.70 4.64 23.15
N ASP A 146 -7.71 5.50 23.38
CA ASP A 146 -6.47 5.38 22.66
C ASP A 146 -5.67 4.19 23.14
N SER A 147 -4.86 3.60 22.26
CA SER A 147 -3.78 2.69 22.61
C SER A 147 -2.50 3.10 21.87
N LEU A 148 -1.99 4.26 22.23
CA LEU A 148 -0.90 4.88 21.54
C LEU A 148 0.44 4.14 21.66
N ASP A 149 1.14 4.07 20.54
CA ASP A 149 2.43 3.43 20.43
C ASP A 149 3.50 4.48 20.24
N ALA A 150 4.41 4.59 21.21
CA ALA A 150 5.53 5.55 21.13
C ALA A 150 6.11 5.65 19.73
N ALA A 151 6.29 4.49 19.10
CA ALA A 151 6.97 4.37 17.81
C ALA A 151 6.19 5.01 16.66
N LEU A 152 4.90 5.28 16.88
CA LEU A 152 4.05 5.82 15.83
C LEU A 152 3.51 7.20 16.15
N CYS A 153 4.19 7.91 17.06
CA CYS A 153 3.68 9.18 17.56
C CYS A 153 4.68 10.29 17.40
N HIS A 154 4.14 11.50 17.25
CA HIS A 154 4.88 12.75 17.27
C HIS A 154 5.87 12.91 16.12
N GLY A 155 6.82 13.83 16.30
CA GLY A 155 7.87 14.14 15.31
C GLY A 155 8.04 15.65 15.21
N ASP A 156 9.27 16.07 14.90
CA ASP A 156 9.63 17.46 14.76
C ASP A 156 8.96 18.07 13.52
N VAL A 157 9.06 17.34 12.41
CA VAL A 157 8.41 17.69 11.19
C VAL A 157 7.64 16.49 10.61
N LEU A 158 6.48 16.78 10.00
CA LEU A 158 5.73 15.76 9.25
C LEU A 158 5.56 16.19 7.79
N LEU A 159 5.78 15.25 6.86
CA LEU A 159 5.43 15.47 5.45
C LEU A 159 4.19 14.68 5.07
N GLN A 160 3.27 15.33 4.36
CA GLN A 160 2.09 14.69 3.82
C GLN A 160 2.33 14.75 2.35
N ILE A 161 2.61 13.58 1.78
CA ILE A 161 3.04 13.48 0.39
C ILE A 161 1.92 12.76 -0.34
N CYS A 162 1.26 13.47 -1.25
CA CYS A 162 0.13 12.91 -2.02
C CYS A 162 0.38 12.96 -3.53
N ALA A 163 -0.09 11.96 -4.27
CA ALA A 163 0.01 11.94 -5.74
C ALA A 163 -0.99 10.93 -6.28
N ASN A 164 -1.10 10.84 -7.62
CA ASN A 164 -2.05 9.92 -8.23
C ASN A 164 -1.66 8.49 -7.91
N THR A 165 -0.34 8.28 -7.79
CA THR A 165 0.24 6.95 -7.70
C THR A 165 1.23 6.80 -6.56
N GLN A 166 1.33 5.58 -6.06
CA GLN A 166 2.22 5.25 -4.97
C GLN A 166 3.68 5.49 -5.36
N ASP A 167 4.02 5.21 -6.63
CA ASP A 167 5.36 5.35 -7.20
C ASP A 167 5.95 6.78 -7.02
N THR A 168 5.10 7.79 -7.27
CA THR A 168 5.55 9.17 -7.24
C THR A 168 5.78 9.58 -5.79
N VAL A 169 4.98 9.01 -4.92
CA VAL A 169 5.00 9.35 -3.52
C VAL A 169 6.30 8.76 -2.94
N ILE A 170 6.57 7.50 -3.23
CA ILE A 170 7.82 6.90 -2.75
C ILE A 170 9.05 7.58 -3.37
N HIS A 171 8.99 7.87 -4.67
CA HIS A 171 10.10 8.55 -5.32
C HIS A 171 10.47 9.85 -4.64
N ALA A 172 9.46 10.63 -4.28
CA ALA A 172 9.67 11.92 -3.64
C ALA A 172 10.33 11.74 -2.27
N LEU A 173 9.78 10.84 -1.45
CA LEU A 173 10.39 10.47 -0.19
C LEU A 173 11.88 10.19 -0.30
N ARG A 174 12.24 9.33 -1.25
CA ARG A 174 13.63 8.92 -1.39
C ARG A 174 14.54 10.01 -1.91
N ASP A 175 13.96 10.94 -2.67
CA ASP A 175 14.67 12.14 -3.09
C ASP A 175 14.94 13.05 -1.90
N ILE A 176 13.91 13.26 -1.08
CA ILE A 176 14.07 14.05 0.12
C ILE A 176 15.09 13.42 1.07
N ILE A 177 15.03 12.09 1.26
CA ILE A 177 15.97 11.40 2.14
C ILE A 177 17.41 11.49 1.63
N LYS A 178 17.60 11.24 0.35
CA LYS A 178 18.93 11.29 -0.25
C LYS A 178 19.58 12.64 0.04
N HIS A 179 18.78 13.70 0.00
CA HIS A 179 19.36 15.03 0.11
C HIS A 179 19.54 15.54 1.55
N THR A 180 19.15 14.76 2.55
CA THR A 180 19.15 15.30 3.93
C THR A 180 19.70 14.35 4.99
N PRO A 181 20.77 13.59 4.66
CA PRO A 181 21.22 12.54 5.62
C PRO A 181 21.77 13.12 6.94
N ASP A 182 22.24 14.36 6.89
CA ASP A 182 22.71 15.05 8.07
C ASP A 182 21.61 15.85 8.75
N LEU A 183 20.39 15.85 8.22
CA LEU A 183 19.40 16.79 8.75
C LEU A 183 18.06 16.19 9.18
N LEU A 184 17.70 15.02 8.60
CA LEU A 184 16.44 14.34 8.90
C LEU A 184 16.69 12.87 9.15
N SER A 185 15.92 12.33 10.08
CA SER A 185 15.89 10.89 10.28
C SER A 185 14.42 10.48 10.34
N VAL A 186 14.03 9.51 9.52
CA VAL A 186 12.67 8.99 9.51
C VAL A 186 12.32 8.48 10.88
N ARG A 187 11.16 8.91 11.38
CA ARG A 187 10.61 8.50 12.68
C ARG A 187 9.58 7.42 12.46
N TRP A 188 8.45 7.78 11.86
CA TRP A 188 7.45 6.78 11.48
C TRP A 188 6.89 7.10 10.11
N LYS A 189 6.28 6.11 9.47
CA LYS A 189 5.74 6.28 8.12
C LYS A 189 4.57 5.33 7.89
N ARG A 190 3.50 5.86 7.32
CA ARG A 190 2.35 5.06 6.83
C ARG A 190 1.92 5.53 5.44
N GLU A 191 1.55 4.59 4.59
CA GLU A 191 1.03 4.90 3.28
C GLU A 191 -0.45 4.62 3.23
N GLY A 192 -1.19 5.47 2.51
CA GLY A 192 -2.64 5.38 2.45
C GLY A 192 -3.15 5.49 1.03
N PHE A 193 -4.46 5.34 0.88
CA PHE A 193 -5.11 5.36 -0.43
C PHE A 193 -6.55 5.73 -0.25
N ILE A 194 -7.16 6.33 -1.27
CA ILE A 194 -8.61 6.44 -1.24
C ILE A 194 -9.24 5.55 -2.28
N SER A 195 -10.52 5.25 -2.05
CA SER A 195 -11.23 4.19 -2.75
C SER A 195 -11.30 4.43 -4.26
N ASP A 196 -10.90 3.43 -5.02
CA ASP A 196 -10.68 3.55 -6.46
C ASP A 196 -11.86 4.11 -7.30
N HIS A 197 -13.07 3.59 -7.07
CA HIS A 197 -14.28 4.09 -7.73
C HIS A 197 -14.39 5.63 -7.56
N ALA A 198 -14.36 6.10 -6.32
CA ALA A 198 -14.31 7.54 -5.97
C ALA A 198 -13.09 8.27 -6.47
N ALA A 199 -12.06 7.52 -6.82
CA ALA A 199 -10.85 8.08 -7.37
C ALA A 199 -11.18 8.58 -8.77
N ARG A 200 -12.00 7.80 -9.47
CA ARG A 200 -12.33 8.06 -10.88
C ARG A 200 -13.58 8.92 -11.10
N SER A 201 -14.37 9.11 -10.04
CA SER A 201 -15.54 9.96 -10.08
C SER A 201 -15.17 11.45 -10.00
N LYS A 202 -13.97 11.74 -9.50
CA LYS A 202 -13.49 13.10 -9.26
C LYS A 202 -14.42 13.94 -8.37
N GLY A 203 -14.81 13.38 -7.23
CA GLY A 203 -15.61 14.13 -6.25
C GLY A 203 -17.12 13.89 -6.31
N LYS A 204 -17.61 13.51 -7.49
CA LYS A 204 -18.98 13.03 -7.65
C LYS A 204 -19.29 11.83 -6.73
N GLU A 205 -18.22 11.24 -6.16
CA GLU A 205 -18.34 10.25 -5.08
C GLU A 205 -17.41 10.58 -3.91
N THR A 206 -17.97 10.44 -2.71
CA THR A 206 -17.26 10.51 -1.44
C THR A 206 -16.48 9.21 -1.32
N PRO A 207 -15.26 9.28 -0.77
CA PRO A 207 -14.44 8.08 -0.58
C PRO A 207 -15.08 7.09 0.40
N ILE A 208 -15.03 5.81 0.09
CA ILE A 208 -15.50 4.81 1.05
C ILE A 208 -14.36 4.30 1.91
N ASN A 209 -14.54 4.39 3.24
CA ASN A 209 -13.55 3.86 4.18
C ASN A 209 -13.59 2.33 4.26
N LEU A 210 -12.62 1.74 4.96
CA LEU A 210 -12.53 0.27 5.05
C LEU A 210 -13.60 -0.37 5.94
N LEU A 211 -14.49 0.45 6.49
CA LEU A 211 -15.67 -0.12 7.16
C LEU A 211 -16.92 -0.12 6.25
N GLY A 212 -16.74 0.23 4.97
CA GLY A 212 -17.84 0.26 3.99
C GLY A 212 -18.73 1.49 4.08
N PHE A 213 -18.29 2.49 4.82
CA PHE A 213 -19.06 3.72 4.98
C PHE A 213 -18.32 4.91 4.36
N LYS A 214 -19.07 5.90 3.89
CA LYS A 214 -18.50 7.03 3.19
C LYS A 214 -17.80 7.94 4.17
N ASP A 215 -16.59 8.33 3.84
CA ASP A 215 -15.81 9.20 4.71
C ASP A 215 -15.56 10.52 3.98
N GLY A 216 -16.21 11.59 4.43
CA GLY A 216 -16.04 12.94 3.87
C GLY A 216 -17.31 13.75 3.64
N THR A 217 -18.47 13.13 3.86
CA THR A 217 -19.76 13.67 3.44
C THR A 217 -20.02 15.13 3.88
N ALA A 218 -19.85 15.38 5.17
CA ALA A 218 -20.24 16.65 5.78
C ALA A 218 -19.11 17.67 5.83
N ASN A 219 -18.00 17.38 5.15
CA ASN A 219 -16.87 18.35 5.05
C ASN A 219 -17.32 19.75 4.61
N PRO A 220 -16.70 20.81 5.17
CA PRO A 220 -17.07 22.18 4.73
C PRO A 220 -16.57 22.42 3.32
N ASP A 221 -17.22 23.34 2.60
CA ASP A 221 -16.91 23.53 1.18
C ASP A 221 -15.50 24.09 0.94
N SER A 222 -14.61 23.23 0.44
CA SER A 222 -13.19 23.57 0.29
C SER A 222 -12.91 24.57 -0.84
N GLN A 223 -13.86 24.71 -1.77
CA GLN A 223 -13.78 25.70 -2.86
C GLN A 223 -14.31 27.05 -2.39
N ASN A 224 -15.03 27.02 -1.28
CA ASN A 224 -15.59 28.21 -0.65
C ASN A 224 -14.51 29.01 0.03
N ASP A 225 -14.03 30.01 -0.69
CA ASP A 225 -12.99 30.92 -0.23
C ASP A 225 -13.20 31.43 1.20
N LYS A 226 -14.33 32.07 1.46
CA LYS A 226 -14.57 32.74 2.74
C LYS A 226 -14.75 31.78 3.93
N LEU A 227 -15.41 30.65 3.68
CA LEU A 227 -15.59 29.64 4.71
C LEU A 227 -14.23 29.15 5.20
N MET A 228 -13.37 28.75 4.27
CA MET A 228 -12.00 28.32 4.58
C MET A 228 -11.15 29.33 5.38
N GLN A 229 -11.48 30.62 5.25
CA GLN A 229 -10.75 31.63 6.00
C GLN A 229 -11.19 31.61 7.46
N LYS A 230 -12.46 31.24 7.70
CA LYS A 230 -12.98 31.03 9.05
C LYS A 230 -12.53 29.67 9.61
N VAL A 231 -12.72 28.61 8.83
CA VAL A 231 -12.59 27.24 9.30
C VAL A 231 -11.15 26.71 9.34
N VAL A 232 -10.40 26.93 8.27
CA VAL A 232 -9.15 26.22 8.04
C VAL A 232 -7.88 27.02 8.26
N TRP A 233 -7.82 28.25 7.72
CA TRP A 233 -6.59 29.04 7.74
C TRP A 233 -6.49 29.88 8.99
N VAL A 234 -5.28 30.03 9.50
CA VAL A 234 -5.03 31.05 10.50
C VAL A 234 -5.05 32.43 9.80
N THR A 235 -5.82 33.34 10.39
CA THR A 235 -5.98 34.72 9.92
C THR A 235 -5.50 35.70 10.99
N ALA A 236 -5.42 36.99 10.66
CA ALA A 236 -4.84 37.99 11.55
C ALA A 236 -5.69 38.32 12.80
N ASP A 237 -7.00 38.12 12.73
CA ASP A 237 -7.85 38.42 13.88
C ASP A 237 -7.60 37.49 15.07
N GLN A 238 -7.21 36.25 14.81
CA GLN A 238 -6.94 35.33 15.90
C GLN A 238 -5.58 35.67 16.52
N GLN A 239 -5.45 35.46 17.84
CA GLN A 239 -4.28 35.91 18.55
C GLN A 239 -3.14 34.92 18.42
N GLU A 240 -2.47 34.97 17.26
CA GLU A 240 -1.38 34.07 16.97
C GLU A 240 -0.17 34.86 16.54
N PRO A 241 1.03 34.28 16.71
CA PRO A 241 2.24 34.86 16.09
C PRO A 241 2.02 35.08 14.58
N ALA A 242 2.48 36.22 14.07
CA ALA A 242 2.27 36.63 12.66
C ALA A 242 2.70 35.58 11.66
N TRP A 243 3.81 34.90 11.91
CA TRP A 243 4.31 33.91 10.97
C TRP A 243 3.31 32.79 10.63
N THR A 244 2.25 32.63 11.42
CA THR A 244 1.31 31.51 11.28
C THR A 244 0.19 31.81 10.32
N ILE A 245 0.08 33.07 9.94
CA ILE A 245 -1.00 33.49 9.08
C ILE A 245 -0.90 32.77 7.72
N GLY A 246 -2.01 32.15 7.32
CA GLY A 246 -2.07 31.38 6.11
C GLY A 246 -1.61 29.94 6.30
N GLY A 247 -1.21 29.59 7.52
CA GLY A 247 -0.90 28.21 7.84
C GLY A 247 -2.14 27.56 8.38
N SER A 248 -1.99 26.37 8.95
CA SER A 248 -3.12 25.64 9.50
C SER A 248 -2.73 24.55 10.52
N TYR A 249 -3.54 24.39 11.57
CA TYR A 249 -3.30 23.34 12.56
C TYR A 249 -3.71 22.01 11.97
N GLN A 250 -2.91 21.00 12.26
CA GLN A 250 -3.09 19.71 11.65
C GLN A 250 -3.08 18.61 12.72
N ALA A 251 -4.14 17.82 12.78
CA ALA A 251 -4.16 16.68 13.67
C ALA A 251 -4.14 15.44 12.84
N VAL A 252 -3.34 14.46 13.24
CA VAL A 252 -3.16 13.23 12.48
C VAL A 252 -3.35 12.08 13.44
N ARG A 253 -4.29 11.20 13.10
CA ARG A 253 -4.57 10.06 13.94
C ARG A 253 -4.43 8.82 13.11
N LEU A 254 -3.56 7.91 13.55
CA LEU A 254 -3.45 6.58 12.95
C LEU A 254 -4.40 5.65 13.65
N ILE A 255 -5.41 5.18 12.92
CA ILE A 255 -6.53 4.47 13.56
C ILE A 255 -6.80 3.08 12.98
N GLN A 256 -6.55 2.03 13.79
CA GLN A 256 -6.84 0.64 13.41
C GLN A 256 -8.31 0.33 13.50
N PHE A 257 -8.81 -0.44 12.54
CA PHE A 257 -10.17 -0.94 12.53
C PHE A 257 -10.16 -2.44 12.89
N ARG A 258 -11.14 -2.89 13.67
CA ARG A 258 -11.27 -4.32 13.96
C ARG A 258 -12.18 -4.88 12.89
N VAL A 259 -11.57 -5.13 11.74
CA VAL A 259 -12.26 -5.35 10.50
C VAL A 259 -13.07 -6.67 10.46
N GLU A 260 -12.47 -7.77 10.93
CA GLU A 260 -13.13 -9.09 11.02
C GLU A 260 -14.34 -9.09 11.97
N PHE A 261 -14.18 -8.48 13.14
CA PHE A 261 -15.25 -8.35 14.12
C PHE A 261 -16.42 -7.51 13.51
N TRP A 262 -16.09 -6.34 12.98
CA TRP A 262 -16.97 -5.50 12.16
C TRP A 262 -17.77 -6.25 11.09
N ASP A 263 -17.06 -6.94 10.19
CA ASP A 263 -17.68 -7.68 9.10
C ASP A 263 -18.66 -8.76 9.58
N ARG A 264 -18.56 -9.11 10.87
CA ARG A 264 -19.43 -10.09 11.52
C ARG A 264 -20.34 -9.42 12.52
N THR A 265 -20.55 -8.13 12.33
CA THR A 265 -21.49 -7.38 13.13
C THR A 265 -22.73 -7.08 12.26
N PRO A 266 -23.94 -7.23 12.84
CA PRO A 266 -25.20 -6.92 12.11
C PRO A 266 -25.16 -5.56 11.43
N LEU A 267 -25.71 -5.51 10.21
CA LEU A 267 -25.84 -4.26 9.44
C LEU A 267 -26.61 -3.16 10.19
N LYS A 268 -27.71 -3.53 10.85
CA LYS A 268 -28.46 -2.58 11.66
C LYS A 268 -27.56 -1.91 12.71
N GLU A 269 -26.68 -2.68 13.35
CA GLU A 269 -25.79 -2.11 14.36
C GLU A 269 -24.64 -1.32 13.72
N GLN A 270 -24.18 -1.76 12.54
CA GLN A 270 -23.19 -0.97 11.82
C GLN A 270 -23.80 0.42 11.57
N GLN A 271 -25.03 0.41 11.05
CA GLN A 271 -25.75 1.65 10.73
C GLN A 271 -26.14 2.44 11.99
N THR A 272 -26.47 1.75 13.08
CA THR A 272 -26.77 2.44 14.35
C THR A 272 -25.55 3.17 14.90
N ILE A 273 -24.37 2.59 14.70
CA ILE A 273 -23.13 3.17 15.23
C ILE A 273 -22.69 4.45 14.50
N PHE A 274 -22.81 4.46 13.18
CA PHE A 274 -22.53 5.65 12.40
C PHE A 274 -23.67 6.68 12.43
N GLY A 275 -24.90 6.21 12.40
CA GLY A 275 -26.08 7.10 12.39
C GLY A 275 -26.53 7.43 10.98
N ARG A 276 -26.07 6.60 10.04
CA ARG A 276 -26.24 6.77 8.59
C ARG A 276 -26.53 5.44 7.85
N ASP A 277 -27.28 5.54 6.75
CA ASP A 277 -27.51 4.41 5.86
C ASP A 277 -26.18 4.02 5.19
N LYS A 278 -25.77 2.76 5.30
CA LYS A 278 -24.53 2.34 4.66
C LYS A 278 -24.50 2.53 3.14
N GLN A 279 -25.56 2.14 2.44
CA GLN A 279 -25.57 2.18 0.98
C GLN A 279 -25.60 3.59 0.38
N THR A 280 -26.43 4.47 0.94
CA THR A 280 -26.58 5.85 0.43
C THR A 280 -25.70 6.85 1.18
N GLY A 281 -25.38 6.56 2.43
CA GLY A 281 -24.63 7.46 3.28
C GLY A 281 -25.49 8.50 3.98
N ALA A 282 -26.80 8.48 3.70
CA ALA A 282 -27.71 9.47 4.26
C ALA A 282 -27.91 9.23 5.73
N PRO A 283 -28.06 10.32 6.52
CA PRO A 283 -28.50 10.17 7.89
C PRO A 283 -29.77 9.33 7.91
N LEU A 284 -29.86 8.41 8.87
CA LEU A 284 -31.00 7.52 8.97
C LEU A 284 -32.29 8.31 9.12
N GLY A 285 -33.32 7.88 8.40
CA GLY A 285 -34.61 8.57 8.41
C GLY A 285 -34.69 9.67 7.37
N MET A 286 -33.67 9.72 6.51
CA MET A 286 -33.56 10.71 5.43
C MET A 286 -33.10 9.99 4.17
N GLN A 287 -33.29 10.62 3.02
CA GLN A 287 -33.07 9.94 1.74
C GLN A 287 -31.77 10.33 1.05
N HIS A 288 -31.26 11.54 1.33
CA HIS A 288 -30.06 12.02 0.62
C HIS A 288 -28.82 12.10 1.49
N GLU A 289 -27.68 11.80 0.86
CA GLU A 289 -26.38 11.71 1.52
C GLU A 289 -25.98 12.97 2.30
N HIS A 290 -26.24 14.14 1.72
CA HIS A 290 -25.80 15.40 2.35
C HIS A 290 -26.87 16.07 3.22
N ASP A 291 -28.02 15.41 3.35
CA ASP A 291 -29.09 15.85 4.25
C ASP A 291 -28.57 16.07 5.66
N VAL A 292 -28.97 17.19 6.23
CA VAL A 292 -28.57 17.53 7.59
C VAL A 292 -29.74 17.16 8.51
N PRO A 293 -29.51 16.24 9.46
CA PRO A 293 -30.59 15.89 10.38
C PRO A 293 -30.80 16.98 11.41
N ASP A 294 -32.05 17.14 11.86
CA ASP A 294 -32.37 18.02 12.97
C ASP A 294 -32.65 17.14 14.18
N TYR A 295 -31.71 17.12 15.12
CA TYR A 295 -31.79 16.21 16.25
C TYR A 295 -32.93 16.56 17.23
N ALA A 296 -33.36 17.83 17.22
CA ALA A 296 -34.43 18.32 18.12
C ALA A 296 -35.78 17.60 17.92
N SER A 297 -36.01 17.08 16.72
CA SER A 297 -37.23 16.34 16.40
C SER A 297 -37.15 14.90 16.90
N ASP A 298 -36.02 14.53 17.52
CA ASP A 298 -35.79 13.16 17.98
C ASP A 298 -34.93 13.13 19.25
N PRO A 299 -35.47 13.64 20.37
CA PRO A 299 -34.65 13.86 21.57
C PRO A 299 -34.25 12.57 22.31
N GLU A 300 -34.97 11.47 22.06
CA GLU A 300 -34.66 10.17 22.64
C GLU A 300 -33.56 9.47 21.87
N GLY A 301 -33.36 9.90 20.63
CA GLY A 301 -32.40 9.27 19.72
C GLY A 301 -32.86 7.90 19.27
N LYS A 302 -34.12 7.83 18.82
CA LYS A 302 -34.71 6.59 18.31
C LYS A 302 -34.47 6.42 16.80
N VAL A 303 -34.18 7.53 16.13
CA VAL A 303 -33.95 7.51 14.69
C VAL A 303 -32.44 7.47 14.43
N ILE A 304 -31.73 8.40 15.07
CA ILE A 304 -30.27 8.46 15.07
C ILE A 304 -29.78 8.41 16.51
N ALA A 305 -29.11 7.32 16.86
CA ALA A 305 -28.60 7.06 18.21
C ALA A 305 -27.82 8.22 18.81
N LEU A 306 -27.93 8.34 20.14
CA LEU A 306 -27.28 9.40 20.89
C LEU A 306 -25.79 9.20 21.00
N ASP A 307 -25.34 7.94 20.95
CA ASP A 307 -23.92 7.61 20.96
C ASP A 307 -23.41 7.30 19.54
N SER A 308 -24.11 7.75 18.52
CA SER A 308 -23.71 7.50 17.13
C SER A 308 -22.69 8.54 16.65
N HIS A 309 -21.85 8.13 15.70
CA HIS A 309 -20.73 8.97 15.24
C HIS A 309 -21.20 10.34 14.71
N ILE A 310 -22.25 10.33 13.89
CA ILE A 310 -22.79 11.57 13.31
C ILE A 310 -23.35 12.54 14.37
N ARG A 311 -24.09 12.02 15.34
CA ARG A 311 -24.75 12.85 16.33
C ARG A 311 -23.80 13.51 17.33
N LEU A 312 -22.89 12.70 17.85
CA LEU A 312 -21.88 13.17 18.83
C LEU A 312 -20.94 14.18 18.20
N ALA A 313 -20.53 13.94 16.96
CA ALA A 313 -19.54 14.78 16.30
C ALA A 313 -20.12 16.12 15.93
N ASN A 314 -21.43 16.13 15.69
CA ASN A 314 -22.02 17.18 14.90
C ASN A 314 -23.42 17.49 15.42
N PRO A 315 -23.55 17.92 16.70
CA PRO A 315 -24.89 18.23 17.19
C PRO A 315 -25.54 19.37 16.41
N ARG A 316 -24.71 20.26 15.87
CA ARG A 316 -25.17 21.36 15.00
C ARG A 316 -26.05 22.34 15.76
N THR A 317 -25.53 22.89 16.86
CA THR A 317 -26.29 23.67 17.86
C THR A 317 -25.95 25.20 17.76
N ALA A 318 -25.64 25.83 18.90
CA ALA A 318 -25.18 27.23 18.91
C ALA A 318 -23.65 27.30 18.86
N GLU A 319 -23.00 26.79 19.92
CA GLU A 319 -21.53 26.73 20.03
C GLU A 319 -20.81 25.72 19.07
N SER A 320 -21.56 25.17 18.11
N SER A 320 -21.55 25.24 18.06
CA SER A 320 -21.09 24.05 17.29
CA SER A 320 -20.97 24.88 16.74
C SER A 320 -20.80 24.49 15.86
C SER A 320 -21.52 23.63 16.05
N GLU A 321 -20.86 25.79 15.65
N GLU A 321 -20.58 22.80 15.59
CA GLU A 321 -20.51 26.38 14.36
CA GLU A 321 -20.87 21.76 14.62
C GLU A 321 -19.08 26.92 14.40
C GLU A 321 -19.57 21.35 13.90
N SER A 322 -18.39 26.68 15.52
N SER A 322 -19.43 20.06 13.63
CA SER A 322 -16.98 27.03 15.60
CA SER A 322 -18.19 19.53 13.06
C SER A 322 -16.06 25.80 15.69
C SER A 322 -17.66 20.29 11.86
N SER A 323 -16.66 24.62 15.78
N SER A 323 -18.46 21.20 11.31
CA SER A 323 -15.88 23.38 15.93
CA SER A 323 -17.90 22.18 10.39
C SER A 323 -15.50 22.85 14.56
C SER A 323 -17.04 23.10 11.18
N LEU A 324 -15.63 23.70 13.57
N LEU A 324 -16.13 22.51 11.94
CA LEU A 324 -15.41 23.27 12.20
CA LEU A 324 -15.11 23.26 12.61
C LEU A 324 -13.95 22.88 11.93
C LEU A 324 -13.78 22.77 12.10
N MET A 325 -13.79 21.82 11.16
CA MET A 325 -12.49 21.30 10.66
C MET A 325 -12.67 20.74 9.27
N LEU A 326 -11.58 20.66 8.50
CA LEU A 326 -11.66 19.96 7.21
C LEU A 326 -10.96 18.60 7.31
N ARG A 327 -11.68 17.54 7.02
CA ARG A 327 -11.12 16.18 7.06
C ARG A 327 -10.58 15.77 5.70
N ARG A 328 -9.38 15.19 5.70
CA ARG A 328 -8.78 14.68 4.48
C ARG A 328 -8.10 13.35 4.78
N GLY A 329 -8.91 12.37 5.17
CA GLY A 329 -8.42 11.05 5.57
C GLY A 329 -8.26 10.05 4.44
N TYR A 330 -7.35 9.10 4.64
CA TYR A 330 -7.06 8.00 3.69
C TYR A 330 -7.17 6.65 4.38
N SER A 331 -7.60 5.63 3.64
CA SER A 331 -7.54 4.25 4.10
C SER A 331 -6.09 3.75 4.07
N TYR A 332 -5.81 2.75 4.91
CA TYR A 332 -4.52 2.03 4.86
C TYR A 332 -4.74 0.57 5.09
N SER A 333 -3.84 -0.25 4.58
CA SER A 333 -3.87 -1.66 4.84
C SER A 333 -2.44 -2.13 4.83
N LEU A 334 -1.97 -2.74 5.93
CA LEU A 334 -0.59 -3.23 6.00
C LEU A 334 -0.54 -4.76 5.98
N GLY A 335 -0.22 -5.34 7.13
CA GLY A 335 -0.18 -6.78 7.22
C GLY A 335 -1.13 -7.26 8.29
N VAL A 336 -0.53 -7.84 9.32
CA VAL A 336 -1.20 -8.53 10.40
C VAL A 336 -0.61 -7.97 11.68
N THR A 337 -1.49 -7.59 12.61
CA THR A 337 -1.11 -7.20 13.95
C THR A 337 -0.42 -8.38 14.68
N ASN A 338 0.32 -8.05 15.74
CA ASN A 338 1.01 -9.06 16.56
C ASN A 338 0.02 -10.12 17.03
N SER A 339 -1.22 -9.72 17.28
CA SER A 339 -2.21 -10.65 17.79
C SER A 339 -2.94 -11.50 16.71
N GLY A 340 -2.64 -11.26 15.43
CA GLY A 340 -3.19 -12.08 14.37
C GLY A 340 -4.33 -11.47 13.53
N GLN A 341 -4.67 -10.20 13.76
CA GLN A 341 -5.70 -9.52 12.99
C GLN A 341 -5.14 -8.74 11.81
N LEU A 342 -5.94 -8.60 10.75
CA LEU A 342 -5.62 -7.71 9.61
C LEU A 342 -5.35 -6.31 10.13
N ASP A 343 -4.22 -5.74 9.72
CA ASP A 343 -3.90 -4.37 10.13
C ASP A 343 -4.34 -3.47 9.00
N MET A 344 -5.51 -2.85 9.19
CA MET A 344 -6.15 -1.94 8.25
C MET A 344 -6.83 -0.87 9.06
N GLY A 345 -6.99 0.30 8.44
CA GLY A 345 -7.67 1.37 9.16
C GLY A 345 -7.77 2.64 8.35
N LEU A 346 -7.49 3.76 9.03
CA LEU A 346 -7.67 5.09 8.52
C LEU A 346 -6.45 5.92 8.95
N LEU A 347 -5.85 6.61 7.99
CA LEU A 347 -4.89 7.66 8.31
C LEU A 347 -5.75 8.87 8.32
N PHE A 348 -6.15 9.30 9.51
CA PHE A 348 -6.99 10.46 9.70
C PHE A 348 -6.12 11.69 9.70
N VAL A 349 -6.45 12.67 8.87
CA VAL A 349 -5.83 13.99 8.88
C VAL A 349 -6.96 15.01 8.85
N CYS A 350 -6.86 16.08 9.63
CA CYS A 350 -7.78 17.19 9.48
C CYS A 350 -7.04 18.52 9.63
N TYR A 351 -7.65 19.55 9.06
CA TYR A 351 -7.07 20.86 9.11
C TYR A 351 -8.05 21.81 9.76
N GLN A 352 -7.51 22.81 10.48
CA GLN A 352 -8.35 23.73 11.23
C GLN A 352 -7.56 24.96 11.60
N HIS A 353 -8.29 26.07 11.69
CA HIS A 353 -7.72 27.36 12.04
C HIS A 353 -7.23 27.37 13.48
N ASP A 354 -7.83 26.53 14.32
CA ASP A 354 -7.42 26.48 15.73
C ASP A 354 -7.66 25.05 16.25
N LEU A 355 -6.56 24.37 16.61
CA LEU A 355 -6.58 22.98 17.09
C LEU A 355 -7.51 22.72 18.27
N GLU A 356 -7.57 23.64 19.21
CA GLU A 356 -8.41 23.51 20.40
C GLU A 356 -9.88 23.60 20.03
N LYS A 357 -10.21 24.55 19.17
CA LYS A 357 -11.58 24.75 18.73
C LYS A 357 -12.02 23.66 17.72
N GLY A 358 -11.06 23.05 17.02
CA GLY A 358 -11.36 22.03 16.01
C GLY A 358 -11.24 20.63 16.59
N PHE A 359 -10.23 19.88 16.11
CA PHE A 359 -10.04 18.48 16.51
C PHE A 359 -10.23 18.23 18.03
N LEU A 360 -9.52 18.98 18.86
CA LEU A 360 -9.60 18.79 20.33
C LEU A 360 -11.01 18.90 20.91
N THR A 361 -11.80 19.80 20.35
CA THR A 361 -13.18 19.94 20.79
C THR A 361 -13.97 18.75 20.29
N VAL A 362 -13.79 18.41 19.02
CA VAL A 362 -14.63 17.40 18.35
C VAL A 362 -14.41 15.97 18.89
N GLN A 363 -13.17 15.65 19.20
CA GLN A 363 -12.83 14.33 19.71
C GLN A 363 -13.29 14.22 21.16
N LYS A 364 -13.31 15.33 21.87
CA LYS A 364 -13.81 15.37 23.25
C LYS A 364 -15.31 15.04 23.23
N ARG A 365 -15.99 15.46 22.16
CA ARG A 365 -17.40 15.14 22.02
C ARG A 365 -17.63 13.69 21.62
N LEU A 366 -16.64 13.11 20.97
CA LEU A 366 -16.79 11.76 20.44
C LEU A 366 -16.48 10.70 21.47
N ASN A 367 -15.81 11.09 22.55
CA ASN A 367 -15.42 10.16 23.62
C ASN A 367 -16.57 9.31 24.16
N GLY A 368 -16.41 7.99 24.04
CA GLY A 368 -17.43 7.02 24.47
C GLY A 368 -18.50 6.70 23.44
N GLU A 369 -18.29 7.19 22.22
CA GLU A 369 -19.12 6.84 21.07
C GLU A 369 -19.10 5.34 20.87
N ALA A 370 -20.16 4.79 20.26
CA ALA A 370 -20.27 3.35 20.10
C ALA A 370 -19.19 2.76 19.20
N LEU A 371 -18.63 3.57 18.30
CA LEU A 371 -17.63 3.11 17.34
C LEU A 371 -16.30 2.69 17.96
N GLU A 372 -16.06 3.11 19.21
CA GLU A 372 -14.83 2.81 19.92
C GLU A 372 -14.57 1.32 20.07
N GLU A 373 -15.63 0.54 20.13
CA GLU A 373 -15.53 -0.91 20.18
C GLU A 373 -14.75 -1.46 18.97
N TYR A 374 -14.73 -0.71 17.87
CA TYR A 374 -14.27 -1.19 16.59
C TYR A 374 -13.04 -0.50 16.01
N VAL A 375 -12.56 0.53 16.69
CA VAL A 375 -11.47 1.34 16.18
C VAL A 375 -10.48 1.54 17.30
N LYS A 376 -9.24 1.85 16.95
CA LYS A 376 -8.23 1.93 17.96
C LYS A 376 -7.10 2.89 17.55
N PRO A 377 -7.13 4.11 18.07
CA PRO A 377 -6.04 5.04 17.81
C PRO A 377 -4.72 4.58 18.42
N ILE A 378 -3.70 4.48 17.58
CA ILE A 378 -2.39 3.94 17.96
C ILE A 378 -1.23 4.89 17.64
N GLY A 379 -1.49 5.98 16.90
CA GLY A 379 -0.43 6.90 16.52
C GLY A 379 -0.94 8.22 15.97
N GLY A 380 0.00 9.04 15.50
CA GLY A 380 -0.32 10.34 14.94
C GLY A 380 0.31 11.51 15.69
N GLY A 381 -0.38 12.62 15.75
CA GLY A 381 0.20 13.81 16.38
C GLY A 381 -0.47 15.09 15.94
N TYR A 382 -0.03 16.18 16.57
CA TYR A 382 -0.48 17.53 16.27
C TYR A 382 0.70 18.26 15.69
N PHE A 383 0.45 18.98 14.60
CA PHE A 383 1.48 19.71 13.89
C PHE A 383 0.86 20.99 13.37
N PHE A 384 1.69 21.97 13.05
CA PHE A 384 1.24 23.17 12.40
C PHE A 384 1.76 23.20 10.97
N ALA A 385 0.82 23.15 10.04
CA ALA A 385 1.15 23.22 8.65
C ALA A 385 1.53 24.67 8.30
N LEU A 386 2.75 24.85 7.80
CA LEU A 386 3.27 26.19 7.47
C LEU A 386 2.45 26.99 6.44
N PRO A 387 2.61 28.33 6.47
CA PRO A 387 2.10 29.15 5.39
C PRO A 387 2.78 28.77 4.10
N GLY A 388 2.18 29.15 2.98
CA GLY A 388 2.73 28.80 1.69
C GLY A 388 4.08 29.45 1.40
N VAL A 389 4.81 28.87 0.46
CA VAL A 389 6.02 29.49 -0.05
C VAL A 389 5.59 30.40 -1.21
N LYS A 390 5.81 31.69 -1.05
CA LYS A 390 5.13 32.67 -1.87
C LYS A 390 5.55 32.59 -3.33
N ASP A 391 6.85 32.40 -3.56
CA ASP A 391 7.40 32.17 -4.87
C ASP A 391 8.81 31.62 -4.75
N ALA A 392 9.45 31.48 -5.91
CA ALA A 392 10.75 30.85 -6.03
C ALA A 392 11.84 31.54 -5.23
N ASN A 393 11.57 32.75 -4.76
CA ASN A 393 12.52 33.44 -3.90
C ASN A 393 12.21 33.33 -2.40
N ASP A 394 11.04 32.80 -2.07
CA ASP A 394 10.66 32.51 -0.70
C ASP A 394 11.09 31.06 -0.31
N TYR A 395 11.00 30.75 0.98
CA TYR A 395 11.37 29.43 1.49
C TYR A 395 10.55 29.10 2.74
N PHE A 396 10.31 27.82 2.99
CA PHE A 396 9.60 27.40 4.20
C PHE A 396 10.22 28.06 5.42
N GLY A 397 9.39 28.63 6.28
CA GLY A 397 9.87 29.15 7.57
C GLY A 397 10.58 30.50 7.51
N SER A 398 10.59 31.15 6.35
CA SER A 398 11.24 32.46 6.27
C SER A 398 10.76 33.40 7.37
N ALA A 399 9.46 33.58 7.48
CA ALA A 399 8.87 34.44 8.52
C ALA A 399 9.06 33.90 9.97
N LEU A 400 9.13 32.58 10.13
CA LEU A 400 9.32 31.96 11.44
C LEU A 400 10.76 32.11 11.91
N LEU A 401 11.69 32.08 10.96
CA LEU A 401 13.11 32.13 11.27
C LEU A 401 13.67 33.56 11.31
N ARG A 402 12.89 34.54 10.83
CA ARG A 402 13.36 35.94 10.63
C ARG A 402 13.81 36.70 11.88
N VAL A 403 12.92 37.52 12.43
CA VAL A 403 13.27 38.20 13.70
C VAL A 403 12.81 37.32 14.87
N SER B 20 10.31 -9.85 -21.12
CA SER B 20 9.01 -9.20 -21.50
C SER B 20 7.80 -9.90 -20.87
N ALA B 21 7.98 -11.15 -20.46
CA ALA B 21 6.88 -11.92 -19.86
C ALA B 21 6.79 -11.76 -18.32
N PRO B 22 5.60 -12.02 -17.72
CA PRO B 22 4.36 -12.46 -18.40
C PRO B 22 3.57 -11.33 -19.06
N GLY B 23 4.12 -10.12 -19.01
CA GLY B 23 3.44 -8.93 -19.49
C GLY B 23 2.82 -8.13 -18.36
N THR B 24 2.11 -7.06 -18.70
CA THR B 24 1.32 -6.29 -17.72
C THR B 24 -0.07 -5.95 -18.26
N LEU B 25 -1.02 -5.82 -17.33
CA LEU B 25 -2.42 -5.51 -17.64
C LEU B 25 -2.80 -4.14 -17.10
N SER B 26 -3.56 -3.38 -17.90
CA SER B 26 -3.83 -1.97 -17.60
C SER B 26 -4.79 -1.72 -16.43
N PRO B 27 -4.35 -0.98 -15.38
CA PRO B 27 -5.16 -0.71 -14.17
C PRO B 27 -6.52 0.00 -14.35
N ASP B 28 -6.84 0.44 -15.57
CA ASP B 28 -8.05 1.24 -15.83
C ASP B 28 -9.27 0.39 -16.24
N ALA B 29 -9.03 -0.92 -16.39
CA ALA B 29 -10.04 -1.83 -16.93
C ALA B 29 -10.85 -2.50 -15.82
N ARG B 30 -11.72 -1.70 -15.20
CA ARG B 30 -12.60 -2.13 -14.11
C ARG B 30 -13.58 -3.23 -14.50
N ASN B 31 -13.96 -3.29 -15.78
CA ASN B 31 -14.90 -4.28 -16.26
C ASN B 31 -14.24 -5.46 -16.97
N GLU B 32 -12.93 -5.39 -17.17
CA GLU B 32 -12.18 -6.49 -17.80
C GLU B 32 -12.17 -7.72 -16.89
N LYS B 33 -12.33 -8.89 -17.51
CA LYS B 33 -12.41 -10.16 -16.79
C LYS B 33 -11.23 -11.03 -17.17
N GLN B 34 -10.77 -11.83 -16.22
CA GLN B 34 -9.81 -12.87 -16.49
C GLN B 34 -10.52 -14.18 -16.22
N PRO B 35 -10.26 -15.20 -17.05
CA PRO B 35 -10.89 -16.51 -16.87
C PRO B 35 -10.43 -17.20 -15.59
N PHE B 36 -11.38 -17.53 -14.72
CA PHE B 36 -11.09 -18.34 -13.54
C PHE B 36 -11.01 -19.82 -13.91
N TYR B 37 -12.09 -20.34 -14.47
CA TYR B 37 -12.12 -21.74 -14.93
C TYR B 37 -11.15 -21.95 -16.07
N GLY B 38 -10.50 -23.09 -16.08
CA GLY B 38 -9.56 -23.41 -17.13
C GLY B 38 -8.81 -24.67 -16.79
N GLU B 39 -7.97 -25.11 -17.71
CA GLU B 39 -7.04 -26.19 -17.43
C GLU B 39 -6.11 -25.71 -16.33
N HIS B 40 -5.71 -24.44 -16.41
CA HIS B 40 -4.78 -23.84 -15.45
C HIS B 40 -5.40 -22.69 -14.67
N GLN B 41 -4.91 -22.45 -13.46
CA GLN B 41 -5.31 -21.26 -12.69
C GLN B 41 -4.81 -20.01 -13.37
N ALA B 42 -5.63 -18.98 -13.39
CA ALA B 42 -5.14 -17.67 -13.80
C ALA B 42 -4.10 -17.15 -12.78
N GLY B 43 -3.43 -16.06 -13.14
CA GLY B 43 -2.45 -15.44 -12.27
C GLY B 43 -1.12 -16.16 -12.23
N ILE B 44 -0.77 -16.88 -13.29
CA ILE B 44 0.55 -17.48 -13.38
C ILE B 44 1.16 -17.01 -14.68
N LEU B 45 0.47 -17.32 -15.78
CA LEU B 45 0.82 -16.84 -17.10
C LEU B 45 0.21 -15.47 -17.36
N THR B 46 -0.91 -15.20 -16.70
CA THR B 46 -1.56 -13.89 -16.76
C THR B 46 -0.56 -12.74 -16.62
N PRO B 47 -0.59 -11.78 -17.57
CA PRO B 47 0.22 -10.56 -17.40
C PRO B 47 -0.06 -9.90 -16.05
N GLN B 48 0.96 -9.34 -15.43
CA GLN B 48 0.83 -8.78 -14.08
C GLN B 48 -0.19 -7.65 -13.98
N GLN B 49 -1.15 -7.80 -13.07
CA GLN B 49 -2.02 -6.68 -12.69
C GLN B 49 -1.26 -5.67 -11.79
N ALA B 50 -1.79 -4.46 -11.65
CA ALA B 50 -1.10 -3.38 -10.92
C ALA B 50 -0.91 -3.67 -9.40
N ALA B 51 -1.90 -4.31 -8.79
CA ALA B 51 -1.88 -4.55 -7.36
C ALA B 51 -1.92 -6.03 -7.09
N MET B 52 -1.28 -6.44 -5.98
CA MET B 52 -1.30 -7.81 -5.55
C MET B 52 -1.38 -7.87 -4.02
N MET B 53 -1.86 -8.99 -3.53
CA MET B 53 -1.75 -9.37 -2.13
C MET B 53 -1.33 -10.82 -2.07
N LEU B 54 -0.31 -11.11 -1.28
CA LEU B 54 0.02 -12.47 -0.85
C LEU B 54 -0.47 -12.68 0.57
N VAL B 55 -1.42 -13.60 0.75
CA VAL B 55 -1.92 -13.92 2.09
C VAL B 55 -1.91 -15.42 2.36
N ALA B 56 -1.16 -15.81 3.39
CA ALA B 56 -1.07 -17.19 3.82
C ALA B 56 -2.07 -17.47 4.95
N PHE B 57 -2.58 -18.70 4.98
CA PHE B 57 -3.49 -19.10 6.03
C PHE B 57 -3.05 -20.40 6.63
N ASP B 58 -3.38 -20.57 7.92
CA ASP B 58 -3.37 -21.87 8.56
C ASP B 58 -4.73 -22.48 8.35
N VAL B 59 -4.79 -23.74 7.91
CA VAL B 59 -6.08 -24.38 7.71
C VAL B 59 -6.63 -24.86 9.06
N LEU B 60 -7.92 -24.61 9.29
CA LEU B 60 -8.59 -25.00 10.54
C LEU B 60 -9.55 -26.18 10.33
N ALA B 61 -9.34 -26.94 9.26
CA ALA B 61 -10.21 -28.06 8.94
C ALA B 61 -9.95 -29.22 9.89
N SER B 62 -11.05 -29.84 10.32
CA SER B 62 -10.98 -30.98 11.22
C SER B 62 -10.42 -32.21 10.50
N ASP B 63 -10.97 -32.50 9.33
CA ASP B 63 -10.67 -33.74 8.63
C ASP B 63 -10.78 -33.54 7.14
N LYS B 64 -10.43 -34.57 6.39
CA LYS B 64 -10.46 -34.54 4.94
C LYS B 64 -11.75 -33.96 4.40
N ALA B 65 -12.87 -34.34 5.02
CA ALA B 65 -14.19 -33.86 4.61
C ALA B 65 -14.30 -32.34 4.80
N ASP B 66 -13.79 -31.83 5.90
CA ASP B 66 -13.79 -30.39 6.12
C ASP B 66 -12.87 -29.63 5.14
N LEU B 67 -11.66 -30.15 4.91
CA LEU B 67 -10.80 -29.62 3.86
C LEU B 67 -11.57 -29.56 2.54
N GLU B 68 -12.27 -30.65 2.21
CA GLU B 68 -13.13 -30.70 1.03
C GLU B 68 -14.19 -29.59 1.04
N ARG B 69 -14.79 -29.33 2.20
CA ARG B 69 -15.79 -28.27 2.31
C ARG B 69 -15.18 -26.87 2.01
N LEU B 70 -13.95 -26.68 2.46
CA LEU B 70 -13.20 -25.44 2.28
C LEU B 70 -12.92 -25.16 0.81
N PHE B 71 -12.35 -26.16 0.14
CA PHE B 71 -11.96 -26.03 -1.26
C PHE B 71 -13.17 -25.78 -2.17
N ARG B 72 -14.30 -26.40 -1.83
CA ARG B 72 -15.54 -26.18 -2.59
C ARG B 72 -16.00 -24.74 -2.42
N LEU B 73 -15.97 -24.29 -1.18
CA LEU B 73 -16.38 -22.94 -0.81
C LEU B 73 -15.47 -21.93 -1.50
N LEU B 74 -14.16 -22.17 -1.48
CA LEU B 74 -13.20 -21.29 -2.16
C LEU B 74 -13.50 -21.19 -3.64
N THR B 75 -13.84 -22.32 -4.25
CA THR B 75 -14.27 -22.33 -5.66
C THR B 75 -15.44 -21.38 -5.90
N GLN B 76 -16.48 -21.50 -5.07
CA GLN B 76 -17.69 -20.68 -5.20
C GLN B 76 -17.30 -19.21 -5.14
N ARG B 77 -16.59 -18.83 -4.08
CA ARG B 77 -16.20 -17.41 -3.87
C ARG B 77 -15.31 -16.89 -5.00
N PHE B 78 -14.33 -17.69 -5.42
CA PHE B 78 -13.37 -17.25 -6.44
C PHE B 78 -14.04 -17.08 -7.79
N ALA B 79 -14.91 -18.03 -8.16
CA ALA B 79 -15.69 -17.92 -9.41
C ALA B 79 -16.48 -16.62 -9.43
N PHE B 80 -17.21 -16.36 -8.35
CA PHE B 80 -18.03 -15.14 -8.27
C PHE B 80 -17.20 -13.84 -8.34
N LEU B 81 -16.24 -13.68 -7.42
CA LEU B 81 -15.46 -12.43 -7.31
C LEU B 81 -14.70 -12.10 -8.58
N THR B 82 -14.10 -13.12 -9.18
CA THR B 82 -13.22 -12.93 -10.31
C THR B 82 -13.99 -12.52 -11.57
N GLN B 83 -15.29 -12.82 -11.62
CA GLN B 83 -16.13 -12.47 -12.76
C GLN B 83 -16.96 -11.24 -12.49
N GLY B 84 -17.33 -11.07 -11.23
CA GLY B 84 -18.06 -9.90 -10.83
C GLY B 84 -19.55 -10.15 -10.82
N GLY B 85 -20.30 -9.12 -10.40
CA GLY B 85 -21.75 -9.18 -10.20
C GLY B 85 -22.17 -8.19 -9.14
N ALA B 86 -23.47 -7.93 -9.02
CA ALA B 86 -23.95 -7.00 -8.00
C ALA B 86 -23.66 -7.58 -6.62
N ALA B 87 -23.23 -6.72 -5.71
CA ALA B 87 -22.95 -7.09 -4.33
C ALA B 87 -24.13 -7.85 -3.73
N PRO B 88 -23.86 -8.98 -3.06
CA PRO B 88 -24.91 -9.77 -2.41
C PRO B 88 -25.56 -8.91 -1.35
N GLU B 89 -26.84 -8.59 -1.56
CA GLU B 89 -27.56 -7.67 -0.68
C GLU B 89 -27.94 -8.40 0.61
N THR B 90 -28.40 -7.63 1.60
CA THR B 90 -28.67 -8.17 2.95
C THR B 90 -30.12 -7.84 3.36
N PRO B 91 -31.07 -8.72 3.00
CA PRO B 91 -32.52 -8.55 3.20
C PRO B 91 -32.92 -8.33 4.67
N ASN B 92 -32.23 -9.00 5.59
CA ASN B 92 -32.45 -8.80 7.01
C ASN B 92 -31.24 -8.15 7.70
N PRO B 93 -31.41 -6.90 8.15
CA PRO B 93 -30.36 -6.11 8.81
C PRO B 93 -29.95 -6.59 10.20
N ARG B 94 -30.65 -7.59 10.75
CA ARG B 94 -30.20 -8.20 12.00
C ARG B 94 -29.00 -9.10 11.75
N LEU B 95 -28.83 -9.49 10.49
CA LEU B 95 -27.72 -10.30 10.07
C LEU B 95 -26.55 -9.44 9.60
N PRO B 96 -25.31 -9.96 9.70
CA PRO B 96 -24.15 -9.17 9.27
C PRO B 96 -24.27 -8.85 7.79
N PRO B 97 -23.61 -7.75 7.32
CA PRO B 97 -23.72 -7.55 5.88
C PRO B 97 -23.11 -8.75 5.16
N LEU B 98 -23.74 -9.16 4.07
CA LEU B 98 -23.21 -10.22 3.21
C LEU B 98 -21.98 -9.75 2.46
N ASP B 99 -21.90 -8.44 2.18
CA ASP B 99 -20.69 -7.87 1.58
C ASP B 99 -20.13 -6.77 2.48
N SER B 100 -18.80 -6.62 2.53
CA SER B 100 -18.16 -5.52 3.31
C SER B 100 -18.56 -4.11 2.87
N GLY B 101 -18.97 -3.97 1.60
CA GLY B 101 -19.46 -2.70 1.07
C GLY B 101 -18.39 -1.74 0.59
N ILE B 102 -17.14 -2.20 0.55
CA ILE B 102 -15.99 -1.29 0.32
C ILE B 102 -15.79 -0.98 -1.17
N LEU B 103 -16.61 -1.62 -1.99
CA LEU B 103 -16.58 -1.44 -3.43
C LEU B 103 -17.84 -0.77 -3.94
N GLY B 104 -18.77 -0.46 -3.04
CA GLY B 104 -20.09 0.06 -3.40
C GLY B 104 -21.10 -1.05 -3.68
N GLY B 105 -22.05 -0.78 -4.56
CA GLY B 105 -23.15 -1.72 -4.82
C GLY B 105 -22.88 -2.78 -5.86
N TYR B 106 -21.80 -2.61 -6.62
CA TYR B 106 -21.44 -3.56 -7.65
C TYR B 106 -20.02 -4.05 -7.44
N ILE B 107 -19.81 -5.35 -7.60
CA ILE B 107 -18.49 -5.95 -7.46
C ILE B 107 -17.82 -6.15 -8.85
N ALA B 108 -17.16 -5.10 -9.34
CA ALA B 108 -16.44 -5.15 -10.61
C ALA B 108 -15.34 -6.20 -10.57
N PRO B 109 -15.16 -6.95 -11.66
CA PRO B 109 -14.11 -7.99 -11.61
C PRO B 109 -12.69 -7.42 -11.63
N ASP B 110 -12.52 -6.25 -12.27
CA ASP B 110 -11.29 -5.45 -12.18
C ASP B 110 -10.02 -6.26 -12.46
N ASN B 111 -10.08 -7.18 -13.44
CA ASN B 111 -8.97 -8.06 -13.77
C ASN B 111 -8.48 -8.94 -12.64
N LEU B 112 -9.36 -9.24 -11.70
CA LEU B 112 -8.98 -9.95 -10.50
C LEU B 112 -8.63 -11.40 -10.80
N THR B 113 -7.45 -11.84 -10.39
CA THR B 113 -7.18 -13.27 -10.35
C THR B 113 -6.85 -13.69 -8.94
N ILE B 114 -7.29 -14.88 -8.58
CA ILE B 114 -7.01 -15.47 -7.29
C ILE B 114 -6.42 -16.85 -7.53
N THR B 115 -5.20 -17.03 -7.05
CA THR B 115 -4.44 -18.25 -7.29
C THR B 115 -4.18 -18.90 -5.94
N LEU B 116 -4.70 -20.12 -5.79
CA LEU B 116 -4.57 -20.90 -4.58
C LEU B 116 -3.44 -21.91 -4.71
N SER B 117 -2.72 -22.13 -3.62
CA SER B 117 -1.57 -23.02 -3.61
C SER B 117 -1.42 -23.61 -2.21
N VAL B 118 -0.76 -24.78 -2.14
CA VAL B 118 -0.71 -25.49 -0.86
C VAL B 118 0.70 -25.69 -0.30
N GLY B 119 0.82 -25.62 1.02
CA GLY B 119 2.11 -25.76 1.67
C GLY B 119 2.43 -27.19 2.07
N HIS B 120 3.71 -27.42 2.35
CA HIS B 120 4.20 -28.70 2.82
C HIS B 120 3.33 -29.21 3.97
N SER B 121 3.08 -28.33 4.94
CA SER B 121 2.35 -28.67 6.15
C SER B 121 0.94 -29.27 5.94
N LEU B 122 0.40 -29.18 4.72
CA LEU B 122 -0.96 -29.63 4.47
C LEU B 122 -1.04 -31.15 4.30
N PHE B 123 0.12 -31.77 4.05
CA PHE B 123 0.18 -33.20 3.84
C PHE B 123 0.74 -33.87 5.07
N ASP B 124 0.54 -33.23 6.22
CA ASP B 124 0.89 -33.89 7.45
C ASP B 124 -0.21 -34.92 7.76
N GLU B 125 -0.37 -35.28 9.03
CA GLU B 125 -1.27 -36.35 9.45
C GLU B 125 -2.76 -35.96 9.49
N ARG B 126 -3.07 -34.68 9.31
CA ARG B 126 -4.43 -34.17 9.46
C ARG B 126 -5.42 -34.65 8.38
N PHE B 127 -5.01 -34.65 7.12
CA PHE B 127 -5.93 -34.99 6.05
C PHE B 127 -5.48 -36.21 5.24
N GLY B 128 -4.50 -36.94 5.78
CA GLY B 128 -4.00 -38.16 5.18
C GLY B 128 -3.69 -38.01 3.71
N LEU B 129 -2.99 -36.93 3.37
CA LEU B 129 -2.63 -36.64 1.99
C LEU B 129 -1.12 -36.77 1.83
N ALA B 130 -0.46 -37.23 2.89
CA ALA B 130 0.97 -37.50 2.88
C ALA B 130 1.42 -38.32 1.66
N PRO B 131 0.73 -39.46 1.37
CA PRO B 131 1.20 -40.26 0.23
C PRO B 131 1.11 -39.49 -1.09
N GLN B 132 0.26 -38.47 -1.11
CA GLN B 132 -0.11 -37.75 -2.31
C GLN B 132 0.69 -36.44 -2.52
N MET B 133 1.64 -36.19 -1.63
CA MET B 133 2.44 -34.97 -1.63
C MET B 133 3.31 -34.85 -2.88
N PRO B 134 3.38 -33.63 -3.47
CA PRO B 134 4.29 -33.40 -4.60
C PRO B 134 5.73 -33.72 -4.19
N LYS B 135 6.47 -34.30 -5.13
CA LYS B 135 7.80 -34.85 -4.85
C LYS B 135 8.80 -33.87 -4.25
N LYS B 136 8.87 -32.68 -4.84
CA LYS B 136 9.89 -31.70 -4.48
C LYS B 136 9.40 -30.68 -3.45
N LEU B 137 8.10 -30.68 -3.18
CA LEU B 137 7.52 -29.82 -2.13
C LEU B 137 8.15 -30.06 -0.76
N GLN B 138 8.41 -28.97 -0.06
CA GLN B 138 9.11 -29.01 1.23
C GLN B 138 8.92 -27.72 1.99
N LYS B 139 9.26 -27.76 3.28
CA LYS B 139 9.28 -26.55 4.09
C LYS B 139 10.52 -25.74 3.71
N MET B 140 10.33 -24.46 3.46
CA MET B 140 11.45 -23.59 3.10
C MET B 140 12.39 -23.54 4.28
N THR B 141 13.65 -23.83 3.98
CA THR B 141 14.74 -23.64 4.94
C THR B 141 15.62 -22.49 4.45
N ARG B 142 16.35 -21.90 5.38
CA ARG B 142 17.13 -20.72 5.11
C ARG B 142 18.36 -20.90 4.17
N PHE B 143 18.59 -19.85 3.39
CA PHE B 143 19.81 -19.66 2.63
C PHE B 143 20.70 -18.71 3.45
N PRO B 144 22.02 -18.71 3.18
CA PRO B 144 22.98 -17.98 3.99
C PRO B 144 22.68 -16.53 4.21
N ASN B 145 22.24 -15.80 3.19
CA ASN B 145 21.96 -14.37 3.42
C ASN B 145 20.61 -14.09 4.09
N ASP B 146 19.82 -15.14 4.35
CA ASP B 146 18.49 -14.97 4.96
C ASP B 146 18.53 -14.57 6.43
N SER B 147 17.50 -13.83 6.83
CA SER B 147 17.15 -13.64 8.21
C SER B 147 15.65 -13.88 8.27
N LEU B 148 15.27 -15.15 8.22
CA LEU B 148 13.86 -15.54 8.16
C LEU B 148 13.07 -15.24 9.45
N ASP B 149 12.01 -14.45 9.30
CA ASP B 149 11.09 -14.17 10.41
C ASP B 149 9.99 -15.22 10.39
N ALA B 150 9.89 -16.00 11.46
CA ALA B 150 8.93 -17.10 11.49
C ALA B 150 7.47 -16.64 11.34
N ALA B 151 7.18 -15.41 11.75
CA ALA B 151 5.84 -14.85 11.59
C ALA B 151 5.45 -14.65 10.12
N LEU B 152 6.44 -14.60 9.25
CA LEU B 152 6.22 -14.30 7.84
C LEU B 152 6.55 -15.49 6.95
N CYS B 153 6.56 -16.69 7.53
CA CYS B 153 6.91 -17.91 6.78
C CYS B 153 5.84 -19.00 6.74
N HIS B 154 5.82 -19.74 5.62
CA HIS B 154 4.97 -20.91 5.39
C HIS B 154 3.46 -20.66 5.42
N GLY B 155 2.71 -21.69 5.80
CA GLY B 155 1.25 -21.68 5.78
C GLY B 155 0.71 -22.89 5.05
N ASP B 156 -0.47 -23.35 5.47
CA ASP B 156 -1.13 -24.51 4.85
C ASP B 156 -1.57 -24.14 3.44
N VAL B 157 -2.23 -23.00 3.31
CA VAL B 157 -2.52 -22.44 1.99
C VAL B 157 -2.02 -21.01 1.82
N LEU B 158 -1.76 -20.68 0.55
CA LEU B 158 -1.44 -19.33 0.19
C LEU B 158 -2.40 -18.91 -0.90
N LEU B 159 -2.89 -17.67 -0.76
CA LEU B 159 -3.67 -17.06 -1.80
C LEU B 159 -2.87 -15.91 -2.39
N GLN B 160 -2.76 -15.86 -3.72
CA GLN B 160 -2.16 -14.75 -4.42
C GLN B 160 -3.29 -14.03 -5.11
N ILE B 161 -3.50 -12.76 -4.76
CA ILE B 161 -4.70 -12.07 -5.19
C ILE B 161 -4.26 -10.85 -5.95
N CYS B 162 -4.52 -10.85 -7.25
CA CYS B 162 -4.11 -9.74 -8.11
C CYS B 162 -5.31 -9.11 -8.80
N ALA B 163 -5.34 -7.78 -8.83
CA ALA B 163 -6.33 -7.04 -9.58
C ALA B 163 -5.69 -5.72 -10.02
N ASN B 164 -6.45 -4.94 -10.79
CA ASN B 164 -6.02 -3.59 -11.19
C ASN B 164 -5.85 -2.67 -10.01
N THR B 165 -6.67 -2.86 -8.99
CA THR B 165 -6.66 -1.96 -7.85
C THR B 165 -6.66 -2.70 -6.51
N GLN B 166 -6.04 -2.03 -5.54
CA GLN B 166 -5.84 -2.55 -4.21
C GLN B 166 -7.23 -2.76 -3.56
N ASP B 167 -8.19 -1.89 -3.89
CA ASP B 167 -9.56 -1.95 -3.37
C ASP B 167 -10.21 -3.29 -3.61
N THR B 168 -10.05 -3.80 -4.83
CA THR B 168 -10.65 -5.05 -5.26
C THR B 168 -10.02 -6.21 -4.54
N VAL B 169 -8.71 -6.15 -4.46
CA VAL B 169 -7.90 -7.20 -3.84
C VAL B 169 -8.31 -7.41 -2.38
N ILE B 170 -8.42 -6.30 -1.65
CA ILE B 170 -8.84 -6.30 -0.24
C ILE B 170 -10.27 -6.73 -0.08
N HIS B 171 -11.15 -6.26 -0.96
CA HIS B 171 -12.55 -6.72 -0.95
C HIS B 171 -12.62 -8.26 -1.06
N ALA B 172 -11.85 -8.81 -2.00
CA ALA B 172 -11.70 -10.27 -2.15
C ALA B 172 -11.22 -10.97 -0.88
N LEU B 173 -10.22 -10.40 -0.23
CA LEU B 173 -9.73 -11.02 0.99
C LEU B 173 -10.84 -11.08 2.05
N ARG B 174 -11.60 -10.00 2.18
CA ARG B 174 -12.62 -9.93 3.21
C ARG B 174 -13.87 -10.76 2.94
N ASP B 175 -14.28 -10.87 1.67
CA ASP B 175 -15.31 -11.83 1.28
C ASP B 175 -14.89 -13.24 1.74
N ILE B 176 -13.65 -13.61 1.45
CA ILE B 176 -13.13 -14.94 1.78
C ILE B 176 -13.12 -15.22 3.28
N ILE B 177 -12.59 -14.28 4.04
CA ILE B 177 -12.59 -14.37 5.50
C ILE B 177 -13.99 -14.50 6.08
N LYS B 178 -14.92 -13.67 5.61
CA LYS B 178 -16.33 -13.73 6.03
C LYS B 178 -16.93 -15.13 5.75
N HIS B 179 -16.31 -15.87 4.82
CA HIS B 179 -16.85 -17.14 4.43
C HIS B 179 -16.15 -18.34 5.08
N THR B 180 -15.05 -18.11 5.78
CA THR B 180 -14.23 -19.23 6.32
C THR B 180 -13.84 -19.10 7.80
N PRO B 181 -14.69 -18.49 8.67
CA PRO B 181 -14.26 -18.17 10.04
C PRO B 181 -13.80 -19.38 10.85
N ASP B 182 -14.23 -20.57 10.47
CA ASP B 182 -13.82 -21.80 11.12
C ASP B 182 -13.09 -22.70 10.13
N LEU B 183 -12.57 -22.12 9.05
CA LEU B 183 -11.80 -22.90 8.10
C LEU B 183 -10.39 -22.38 7.88
N LEU B 184 -10.22 -21.05 7.97
CA LEU B 184 -8.93 -20.39 7.76
C LEU B 184 -8.61 -19.37 8.85
N SER B 185 -7.32 -19.21 9.13
CA SER B 185 -6.89 -18.16 10.03
C SER B 185 -5.71 -17.49 9.38
N VAL B 186 -5.79 -16.16 9.18
CA VAL B 186 -4.74 -15.43 8.49
C VAL B 186 -3.43 -15.66 9.23
N ARG B 187 -2.39 -16.05 8.48
CA ARG B 187 -1.05 -16.32 9.00
C ARG B 187 -0.09 -15.13 8.80
N TRP B 188 0.13 -14.78 7.54
CA TRP B 188 0.82 -13.54 7.16
C TRP B 188 0.24 -12.99 5.86
N LYS B 189 0.55 -11.75 5.58
CA LYS B 189 -0.03 -11.08 4.44
C LYS B 189 0.84 -9.91 4.10
N ARG B 190 1.06 -9.71 2.79
CA ARG B 190 1.77 -8.56 2.25
C ARG B 190 1.10 -8.10 0.96
N GLU B 191 1.01 -6.79 0.81
CA GLU B 191 0.49 -6.17 -0.39
C GLU B 191 1.59 -5.49 -1.19
N GLY B 192 1.50 -5.64 -2.51
CA GLY B 192 2.52 -5.16 -3.42
C GLY B 192 1.91 -4.45 -4.60
N PHE B 193 2.78 -3.90 -5.44
CA PHE B 193 2.38 -3.16 -6.64
C PHE B 193 3.46 -3.28 -7.73
N ILE B 194 3.08 -3.04 -8.98
CA ILE B 194 4.12 -2.80 -9.99
C ILE B 194 4.11 -1.36 -10.46
N SER B 195 5.28 -0.91 -10.92
CA SER B 195 5.49 0.46 -11.33
C SER B 195 4.43 0.85 -12.33
N ASP B 196 3.71 1.92 -12.04
CA ASP B 196 2.48 2.30 -12.76
C ASP B 196 2.65 2.47 -14.28
N HIS B 197 3.81 2.97 -14.68
CA HIS B 197 4.16 3.14 -16.08
C HIS B 197 4.09 1.80 -16.81
N ALA B 198 4.97 0.88 -16.39
CA ALA B 198 5.04 -0.46 -16.98
C ALA B 198 3.74 -1.24 -16.88
N ALA B 199 2.90 -0.91 -15.90
CA ALA B 199 1.57 -1.51 -15.79
C ALA B 199 0.66 -1.00 -16.91
N ARG B 200 0.69 0.32 -17.15
CA ARG B 200 -0.17 0.95 -18.17
C ARG B 200 0.34 0.83 -19.62
N SER B 201 1.61 0.42 -19.79
CA SER B 201 2.21 0.24 -21.11
C SER B 201 1.85 -1.13 -21.71
N LYS B 202 1.34 -2.03 -20.86
CA LYS B 202 0.77 -3.32 -21.27
C LYS B 202 1.74 -4.31 -21.93
N GLY B 203 2.74 -4.75 -21.20
CA GLY B 203 3.68 -5.75 -21.71
C GLY B 203 4.88 -5.19 -22.47
N LYS B 204 4.72 -3.97 -22.99
CA LYS B 204 5.79 -3.29 -23.71
C LYS B 204 7.03 -3.11 -22.83
N GLU B 205 6.79 -2.68 -21.58
CA GLU B 205 7.85 -2.29 -20.64
C GLU B 205 7.93 -3.17 -19.42
N THR B 206 9.16 -3.46 -19.05
CA THR B 206 9.44 -4.24 -17.86
C THR B 206 9.18 -3.38 -16.61
N PRO B 207 8.55 -3.99 -15.59
CA PRO B 207 8.41 -3.34 -14.27
C PRO B 207 9.76 -2.94 -13.70
N ILE B 208 9.81 -1.78 -13.07
CA ILE B 208 11.04 -1.30 -12.46
C ILE B 208 10.94 -1.51 -10.97
N ASN B 209 11.98 -2.09 -10.38
CA ASN B 209 11.96 -2.38 -8.94
C ASN B 209 12.38 -1.17 -8.13
N LEU B 210 12.28 -1.30 -6.81
CA LEU B 210 12.57 -0.20 -5.90
C LEU B 210 14.07 0.01 -5.72
N LEU B 211 14.87 -0.79 -6.41
CA LEU B 211 16.30 -0.50 -6.54
C LEU B 211 16.55 0.30 -7.82
N GLY B 212 15.48 0.54 -8.57
CA GLY B 212 15.54 1.36 -9.77
C GLY B 212 16.04 0.61 -10.99
N PHE B 213 16.07 -0.71 -10.92
CA PHE B 213 16.48 -1.55 -12.05
C PHE B 213 15.25 -2.33 -12.50
N LYS B 214 15.26 -2.72 -13.76
CA LYS B 214 14.14 -3.43 -14.39
C LYS B 214 14.14 -4.87 -13.90
N ASP B 215 12.95 -5.42 -13.69
CA ASP B 215 12.78 -6.69 -12.99
C ASP B 215 11.96 -7.65 -13.86
N GLY B 216 12.58 -8.74 -14.30
CA GLY B 216 11.86 -9.74 -15.10
C GLY B 216 12.10 -9.72 -16.61
N THR B 217 13.14 -9.01 -17.03
CA THR B 217 13.55 -8.96 -18.44
C THR B 217 13.74 -10.33 -19.09
N ALA B 218 14.43 -11.22 -18.39
CA ALA B 218 14.86 -12.49 -18.97
C ALA B 218 13.85 -13.65 -18.75
N ASN B 219 12.58 -13.32 -18.62
CA ASN B 219 11.54 -14.32 -18.43
C ASN B 219 11.20 -15.10 -19.70
N PRO B 220 10.97 -16.41 -19.54
CA PRO B 220 10.52 -17.23 -20.66
C PRO B 220 9.20 -16.72 -21.22
N ASP B 221 9.17 -16.58 -22.55
CA ASP B 221 7.95 -16.24 -23.28
C ASP B 221 6.77 -16.99 -22.66
N SER B 222 5.89 -16.24 -21.99
CA SER B 222 4.75 -16.81 -21.27
C SER B 222 3.57 -17.07 -22.19
N GLN B 223 3.66 -16.54 -23.41
CA GLN B 223 2.65 -16.75 -24.46
C GLN B 223 2.94 -18.06 -25.20
N ASN B 224 4.12 -18.61 -24.96
CA ASN B 224 4.56 -19.86 -25.58
C ASN B 224 4.04 -21.06 -24.80
N ASP B 225 2.85 -21.51 -25.15
CA ASP B 225 2.15 -22.62 -24.48
C ASP B 225 2.96 -23.93 -24.46
N LYS B 226 3.97 -24.01 -25.32
CA LYS B 226 4.82 -25.19 -25.46
C LYS B 226 6.07 -25.12 -24.56
N LEU B 227 6.62 -23.92 -24.39
CA LEU B 227 7.77 -23.71 -23.48
C LEU B 227 7.32 -23.76 -22.02
N MET B 228 6.11 -23.27 -21.77
CA MET B 228 5.50 -23.30 -20.45
C MET B 228 5.28 -24.73 -19.98
N GLN B 229 4.96 -25.62 -20.92
CA GLN B 229 4.84 -27.05 -20.60
C GLN B 229 6.18 -27.62 -20.13
N LYS B 230 7.27 -27.10 -20.67
CA LYS B 230 8.62 -27.44 -20.20
C LYS B 230 8.99 -26.72 -18.90
N VAL B 231 8.64 -25.44 -18.79
CA VAL B 231 9.16 -24.56 -17.73
C VAL B 231 8.29 -24.47 -16.46
N VAL B 232 6.99 -24.31 -16.64
CA VAL B 232 6.11 -23.92 -15.55
C VAL B 232 5.15 -25.02 -15.15
N TRP B 233 4.46 -25.61 -16.13
CA TRP B 233 3.43 -26.59 -15.86
C TRP B 233 4.00 -27.96 -15.51
N VAL B 234 3.32 -28.63 -14.59
CA VAL B 234 3.62 -30.04 -14.32
C VAL B 234 2.95 -30.88 -15.40
N THR B 235 3.72 -31.81 -15.94
CA THR B 235 3.28 -32.68 -17.04
C THR B 235 3.45 -34.16 -16.65
N ALA B 236 2.58 -35.02 -17.18
CA ALA B 236 2.52 -36.45 -16.80
C ALA B 236 3.87 -37.19 -16.79
N ASP B 237 4.84 -36.67 -17.55
CA ASP B 237 6.17 -37.27 -17.69
C ASP B 237 7.06 -37.20 -16.44
N GLN B 238 6.71 -36.34 -15.50
CA GLN B 238 7.56 -36.07 -14.34
C GLN B 238 7.24 -37.03 -13.21
N GLN B 239 8.23 -37.29 -12.36
CA GLN B 239 8.06 -38.23 -11.26
C GLN B 239 7.08 -37.74 -10.19
N GLU B 240 5.86 -37.39 -10.62
CA GLU B 240 4.87 -36.73 -9.75
C GLU B 240 3.54 -37.49 -9.68
N PRO B 241 2.82 -37.36 -8.53
CA PRO B 241 1.45 -37.84 -8.34
C PRO B 241 0.47 -37.25 -9.33
N ALA B 242 -0.38 -38.11 -9.91
CA ALA B 242 -1.26 -37.74 -11.01
C ALA B 242 -2.04 -36.42 -10.86
N TRP B 243 -2.45 -36.11 -9.63
CA TRP B 243 -3.31 -34.93 -9.44
C TRP B 243 -2.58 -33.64 -9.79
N THR B 244 -1.29 -33.59 -9.43
CA THR B 244 -0.46 -32.41 -9.68
C THR B 244 -0.34 -31.92 -11.13
N ILE B 245 -0.77 -32.73 -12.11
CA ILE B 245 -0.62 -32.37 -13.53
C ILE B 245 -1.44 -31.14 -13.89
N GLY B 246 -0.78 -30.15 -14.47
CA GLY B 246 -1.42 -28.88 -14.79
C GLY B 246 -1.18 -27.83 -13.70
N GLY B 247 -0.58 -28.25 -12.59
CA GLY B 247 -0.19 -27.37 -11.48
C GLY B 247 1.22 -26.83 -11.66
N SER B 248 1.77 -26.21 -10.63
CA SER B 248 3.07 -25.53 -10.69
C SER B 248 3.65 -25.32 -9.30
N TYR B 249 4.94 -25.63 -9.14
CA TYR B 249 5.63 -25.28 -7.91
C TYR B 249 5.79 -23.77 -7.81
N GLN B 250 5.43 -23.22 -6.66
CA GLN B 250 5.46 -21.79 -6.41
C GLN B 250 6.45 -21.52 -5.29
N ALA B 251 7.43 -20.66 -5.57
CA ALA B 251 8.36 -20.14 -4.57
C ALA B 251 8.11 -18.64 -4.35
N VAL B 252 8.00 -18.27 -3.08
CA VAL B 252 7.68 -16.91 -2.65
C VAL B 252 8.72 -16.48 -1.64
N ARG B 253 9.35 -15.33 -1.88
CA ARG B 253 10.35 -14.75 -0.98
C ARG B 253 10.05 -13.27 -0.69
N LEU B 254 9.99 -12.94 0.59
CA LEU B 254 9.74 -11.58 1.04
C LEU B 254 11.11 -10.96 1.26
N ILE B 255 11.49 -10.00 0.41
CA ILE B 255 12.84 -9.46 0.41
C ILE B 255 12.93 -7.96 0.71
N GLN B 256 13.60 -7.62 1.81
CA GLN B 256 13.83 -6.22 2.18
C GLN B 256 14.99 -5.63 1.37
N PHE B 257 14.86 -4.37 0.96
CA PHE B 257 15.97 -3.65 0.34
C PHE B 257 16.53 -2.63 1.33
N ARG B 258 17.86 -2.51 1.37
CA ARG B 258 18.49 -1.44 2.18
C ARG B 258 18.53 -0.17 1.30
N VAL B 259 17.39 0.51 1.30
CA VAL B 259 17.09 1.55 0.32
C VAL B 259 17.92 2.82 0.48
N GLU B 260 18.03 3.34 1.69
CA GLU B 260 18.80 4.56 1.92
C GLU B 260 20.26 4.34 1.46
N PHE B 261 20.81 3.21 1.89
CA PHE B 261 22.19 2.82 1.66
C PHE B 261 22.45 2.62 0.17
N TRP B 262 21.50 1.94 -0.47
CA TRP B 262 21.50 1.80 -1.91
C TRP B 262 21.61 3.13 -2.63
N ASP B 263 20.86 4.13 -2.19
CA ASP B 263 20.79 5.41 -2.89
C ASP B 263 22.05 6.21 -2.63
N ARG B 264 22.84 5.74 -1.68
CA ARG B 264 24.13 6.31 -1.38
C ARG B 264 25.27 5.58 -2.08
N THR B 265 24.91 4.61 -2.92
CA THR B 265 25.92 3.75 -3.51
C THR B 265 26.19 4.15 -4.98
N PRO B 266 27.48 4.34 -5.35
CA PRO B 266 27.83 4.75 -6.72
C PRO B 266 27.06 4.00 -7.81
N LEU B 267 26.69 4.74 -8.85
CA LEU B 267 25.92 4.18 -9.95
C LEU B 267 26.71 3.04 -10.58
N LYS B 268 28.01 3.27 -10.77
CA LYS B 268 28.93 2.26 -11.26
C LYS B 268 28.82 1.00 -10.43
N GLU B 269 28.83 1.17 -9.10
CA GLU B 269 28.72 0.03 -8.21
C GLU B 269 27.36 -0.63 -8.34
N GLN B 270 26.31 0.19 -8.37
CA GLN B 270 24.96 -0.32 -8.60
C GLN B 270 24.92 -1.19 -9.86
N GLN B 271 25.52 -0.68 -10.93
CA GLN B 271 25.55 -1.43 -12.19
C GLN B 271 26.44 -2.69 -12.21
N THR B 272 27.59 -2.61 -11.53
CA THR B 272 28.41 -3.81 -11.35
C THR B 272 27.66 -4.95 -10.61
N ILE B 273 26.92 -4.58 -9.55
CA ILE B 273 26.11 -5.53 -8.80
C ILE B 273 25.06 -6.25 -9.68
N PHE B 274 24.29 -5.49 -10.46
CA PHE B 274 23.27 -6.13 -11.29
C PHE B 274 23.85 -6.75 -12.57
N GLY B 275 24.96 -6.20 -13.04
CA GLY B 275 25.50 -6.62 -14.33
C GLY B 275 24.80 -6.01 -15.53
N ARG B 276 23.94 -5.01 -15.28
CA ARG B 276 23.13 -4.38 -16.31
C ARG B 276 23.23 -2.86 -16.26
N ASP B 277 22.94 -2.20 -17.39
CA ASP B 277 22.79 -0.74 -17.43
C ASP B 277 21.49 -0.43 -16.73
N LYS B 278 21.50 0.60 -15.90
CA LYS B 278 20.34 0.93 -15.10
C LYS B 278 19.23 1.61 -15.89
N GLN B 279 19.61 2.41 -16.88
CA GLN B 279 18.61 3.12 -17.65
C GLN B 279 17.95 2.19 -18.65
N THR B 280 18.74 1.37 -19.35
CA THR B 280 18.21 0.51 -20.42
C THR B 280 17.88 -0.92 -20.00
N GLY B 281 18.49 -1.38 -18.91
CA GLY B 281 18.32 -2.77 -18.51
C GLY B 281 19.10 -3.77 -19.37
N ALA B 282 19.91 -3.28 -20.30
CA ALA B 282 20.76 -4.14 -21.11
C ALA B 282 21.94 -4.62 -20.28
N PRO B 283 22.40 -5.87 -20.50
CA PRO B 283 23.64 -6.34 -19.87
C PRO B 283 24.74 -5.39 -20.24
N LEU B 284 25.66 -5.10 -19.32
CA LEU B 284 26.75 -4.15 -19.58
C LEU B 284 27.57 -4.57 -20.79
N GLY B 285 27.98 -3.59 -21.59
CA GLY B 285 28.75 -3.87 -22.80
C GLY B 285 27.89 -4.34 -23.97
N MET B 286 26.59 -4.45 -23.76
CA MET B 286 25.66 -4.79 -24.84
C MET B 286 24.65 -3.65 -24.98
N GLN B 287 23.90 -3.67 -26.08
CA GLN B 287 23.11 -2.49 -26.47
C GLN B 287 21.64 -2.50 -26.01
N HIS B 288 20.94 -3.61 -26.25
CA HIS B 288 19.51 -3.70 -26.02
C HIS B 288 19.15 -4.50 -24.76
N GLU B 289 18.07 -4.08 -24.10
CA GLU B 289 17.58 -4.70 -22.86
C GLU B 289 17.58 -6.23 -22.88
N HIS B 290 17.13 -6.83 -23.99
CA HIS B 290 16.98 -8.28 -24.05
C HIS B 290 18.19 -9.02 -24.66
N ASP B 291 19.32 -8.32 -24.81
CA ASP B 291 20.55 -8.92 -25.30
C ASP B 291 21.12 -9.99 -24.36
N VAL B 292 21.32 -11.21 -24.88
CA VAL B 292 21.90 -12.31 -24.08
C VAL B 292 23.44 -12.36 -24.25
N PRO B 293 24.20 -12.23 -23.13
CA PRO B 293 25.66 -12.14 -23.29
C PRO B 293 26.36 -13.48 -23.48
N ASP B 294 27.60 -13.41 -23.97
CA ASP B 294 28.48 -14.57 -24.05
C ASP B 294 29.58 -14.39 -23.01
N TYR B 295 29.46 -15.17 -21.94
CA TYR B 295 30.33 -15.01 -20.79
C TYR B 295 31.73 -15.54 -21.10
N ALA B 296 31.81 -16.39 -22.13
CA ALA B 296 33.08 -16.88 -22.65
C ALA B 296 34.10 -15.75 -22.92
N SER B 297 33.63 -14.67 -23.53
CA SER B 297 34.52 -13.54 -23.89
C SER B 297 35.01 -12.72 -22.71
N ASP B 298 34.48 -13.01 -21.51
CA ASP B 298 34.76 -12.17 -20.34
C ASP B 298 35.12 -13.00 -19.11
N PRO B 299 36.20 -13.81 -19.23
CA PRO B 299 36.51 -14.86 -18.23
C PRO B 299 36.78 -14.34 -16.82
N GLU B 300 37.27 -13.12 -16.69
CA GLU B 300 37.52 -12.56 -15.37
C GLU B 300 36.39 -11.62 -14.93
N GLY B 301 35.33 -11.58 -15.73
CA GLY B 301 34.21 -10.68 -15.48
C GLY B 301 34.67 -9.25 -15.32
N LYS B 302 35.34 -8.73 -16.36
CA LYS B 302 35.75 -7.34 -16.38
C LYS B 302 34.60 -6.43 -16.84
N VAL B 303 33.70 -7.00 -17.65
CA VAL B 303 32.53 -6.29 -18.16
C VAL B 303 31.29 -6.57 -17.30
N ILE B 304 30.90 -7.85 -17.24
CA ILE B 304 29.87 -8.33 -16.32
C ILE B 304 30.53 -9.19 -15.24
N ALA B 305 30.57 -8.68 -14.00
CA ALA B 305 31.21 -9.39 -12.90
C ALA B 305 30.70 -10.80 -12.68
N LEU B 306 31.60 -11.66 -12.20
CA LEU B 306 31.29 -13.03 -11.86
C LEU B 306 30.39 -13.00 -10.63
N ASP B 307 30.64 -11.97 -9.82
CA ASP B 307 29.77 -11.43 -8.77
C ASP B 307 28.31 -11.14 -9.15
N SER B 308 28.09 -10.68 -10.37
CA SER B 308 26.86 -9.97 -10.69
C SER B 308 25.66 -10.87 -10.57
N HIS B 309 24.49 -10.25 -10.48
CA HIS B 309 23.23 -10.94 -10.31
C HIS B 309 22.85 -11.72 -11.55
N ILE B 310 22.95 -11.08 -12.71
CA ILE B 310 22.62 -11.73 -13.99
C ILE B 310 23.56 -12.93 -14.30
N ARG B 311 24.85 -12.77 -14.04
CA ARG B 311 25.84 -13.77 -14.40
C ARG B 311 25.74 -15.07 -13.59
N LEU B 312 25.76 -14.96 -12.25
CA LEU B 312 25.59 -16.12 -11.37
C LEU B 312 24.24 -16.82 -11.59
N ALA B 313 23.21 -16.04 -11.88
CA ALA B 313 21.89 -16.59 -12.16
C ALA B 313 21.86 -17.55 -13.35
N ASN B 314 22.91 -17.55 -14.16
CA ASN B 314 23.07 -18.57 -15.23
C ASN B 314 24.46 -18.63 -15.86
N PRO B 315 25.18 -19.73 -15.58
CA PRO B 315 26.44 -20.02 -16.28
C PRO B 315 26.23 -20.25 -17.78
N ARG B 316 24.98 -20.48 -18.19
CA ARG B 316 24.62 -20.73 -19.60
C ARG B 316 25.31 -21.99 -20.15
N THR B 317 25.42 -23.00 -19.29
CA THR B 317 26.11 -24.26 -19.60
C THR B 317 25.30 -25.18 -20.51
N ALA B 318 24.04 -24.79 -20.78
CA ALA B 318 23.06 -25.58 -21.56
C ALA B 318 22.32 -26.67 -20.75
N GLU B 319 23.06 -27.46 -19.96
CA GLU B 319 22.47 -28.54 -19.15
C GLU B 319 21.52 -28.01 -18.06
N SER B 320 21.86 -26.86 -17.49
CA SER B 320 20.99 -26.19 -16.52
C SER B 320 20.49 -24.82 -17.04
N GLU B 321 20.40 -24.71 -18.36
CA GLU B 321 19.45 -23.80 -19.00
C GLU B 321 18.06 -24.46 -18.84
N SER B 322 18.06 -25.77 -18.61
CA SER B 322 16.87 -26.54 -18.26
C SER B 322 16.31 -26.13 -16.89
N SER B 323 16.95 -25.14 -16.26
CA SER B 323 16.60 -24.65 -14.92
C SER B 323 15.90 -23.29 -14.95
N LEU B 324 15.16 -23.02 -16.03
CA LEU B 324 14.42 -21.78 -16.12
C LEU B 324 13.24 -21.72 -15.15
N MET B 325 12.78 -20.50 -14.90
CA MET B 325 11.60 -20.27 -14.08
C MET B 325 10.90 -19.01 -14.56
N LEU B 326 9.57 -18.97 -14.44
CA LEU B 326 8.84 -17.73 -14.64
C LEU B 326 8.83 -16.93 -13.34
N ARG B 327 9.22 -15.66 -13.41
CA ARG B 327 9.16 -14.77 -12.27
C ARG B 327 8.02 -13.80 -12.39
N ARG B 328 7.32 -13.57 -11.28
CA ARG B 328 6.15 -12.68 -11.26
C ARG B 328 6.11 -11.78 -9.99
N GLY B 329 7.18 -11.01 -9.76
CA GLY B 329 7.32 -10.24 -8.54
C GLY B 329 6.69 -8.85 -8.52
N TYR B 330 6.60 -8.27 -7.33
CA TYR B 330 5.93 -6.99 -7.12
C TYR B 330 6.75 -6.16 -6.13
N SER B 331 6.79 -4.85 -6.33
CA SER B 331 7.32 -3.96 -5.32
C SER B 331 6.43 -3.94 -4.08
N TYR B 332 7.00 -3.71 -2.90
CA TYR B 332 6.17 -3.40 -1.72
C TYR B 332 6.79 -2.28 -0.91
N SER B 333 5.95 -1.55 -0.23
CA SER B 333 6.37 -0.50 0.63
C SER B 333 5.44 -0.46 1.84
N LEU B 334 6.02 -0.56 3.04
CA LEU B 334 5.23 -0.68 4.26
C LEU B 334 5.50 0.51 5.14
N GLY B 335 6.22 0.30 6.25
CA GLY B 335 6.57 1.40 7.13
C GLY B 335 8.06 1.51 7.35
N VAL B 336 8.45 1.34 8.61
CA VAL B 336 9.83 1.43 9.02
C VAL B 336 10.22 0.03 9.49
N THR B 337 11.52 -0.28 9.48
CA THR B 337 12.01 -1.57 10.01
C THR B 337 12.33 -1.40 11.48
N ASN B 338 12.64 -2.52 12.15
CA ASN B 338 12.98 -2.49 13.57
C ASN B 338 14.14 -1.56 13.88
N SER B 339 15.07 -1.44 12.95
CA SER B 339 16.19 -0.55 13.18
C SER B 339 15.97 0.90 12.71
N GLY B 340 14.78 1.25 12.24
CA GLY B 340 14.52 2.62 11.84
C GLY B 340 14.62 2.98 10.35
N GLN B 341 15.04 2.04 9.51
CA GLN B 341 15.12 2.32 8.09
C GLN B 341 13.81 2.05 7.38
N LEU B 342 13.66 2.57 6.16
CA LEU B 342 12.46 2.33 5.36
C LEU B 342 12.28 0.84 5.07
N ASP B 343 11.09 0.33 5.34
CA ASP B 343 10.74 -1.04 5.06
C ASP B 343 10.15 -1.13 3.65
N MET B 344 10.97 -1.52 2.68
CA MET B 344 10.48 -1.71 1.34
C MET B 344 11.35 -2.67 0.57
N GLY B 345 10.75 -3.30 -0.44
CA GLY B 345 11.52 -4.13 -1.36
C GLY B 345 10.67 -4.89 -2.34
N LEU B 346 10.90 -6.20 -2.37
CA LEU B 346 10.35 -7.05 -3.38
C LEU B 346 9.54 -8.22 -2.80
N LEU B 347 8.30 -8.35 -3.25
CA LEU B 347 7.55 -9.60 -3.10
C LEU B 347 7.89 -10.48 -4.30
N PHE B 348 8.88 -11.35 -4.11
CA PHE B 348 9.32 -12.24 -5.18
C PHE B 348 8.39 -13.45 -5.26
N VAL B 349 7.94 -13.77 -6.48
CA VAL B 349 7.13 -14.96 -6.74
C VAL B 349 7.57 -15.63 -8.05
N CYS B 350 7.95 -16.90 -8.01
CA CYS B 350 8.21 -17.61 -9.26
C CYS B 350 7.55 -18.99 -9.34
N TYR B 351 7.21 -19.38 -10.57
CA TYR B 351 6.51 -20.61 -10.84
C TYR B 351 7.39 -21.57 -11.65
N GLN B 352 7.40 -22.86 -11.29
CA GLN B 352 8.25 -23.88 -11.91
C GLN B 352 7.51 -25.19 -12.11
N HIS B 353 7.94 -26.02 -13.07
CA HIS B 353 7.46 -27.39 -13.19
C HIS B 353 8.11 -28.23 -12.08
N ASP B 354 9.31 -27.83 -11.66
CA ASP B 354 10.00 -28.53 -10.61
C ASP B 354 10.80 -27.61 -9.68
N LEU B 355 10.39 -27.58 -8.41
CA LEU B 355 10.96 -26.70 -7.38
C LEU B 355 12.49 -26.77 -7.16
N GLU B 356 13.05 -27.97 -7.13
CA GLU B 356 14.51 -28.09 -6.98
C GLU B 356 15.23 -27.73 -8.26
N LYS B 357 14.66 -28.13 -9.40
CA LYS B 357 15.19 -27.76 -10.72
C LYS B 357 15.02 -26.27 -11.00
N GLY B 358 14.06 -25.64 -10.34
CA GLY B 358 13.82 -24.20 -10.50
C GLY B 358 14.52 -23.37 -9.44
N PHE B 359 13.72 -22.75 -8.56
CA PHE B 359 14.22 -21.85 -7.51
C PHE B 359 15.40 -22.36 -6.68
N LEU B 360 15.31 -23.60 -6.19
CA LEU B 360 16.35 -24.12 -5.31
C LEU B 360 17.71 -24.17 -5.98
N THR B 361 17.72 -24.51 -7.27
CA THR B 361 18.95 -24.54 -8.05
C THR B 361 19.54 -23.13 -8.24
N VAL B 362 18.69 -22.20 -8.65
CA VAL B 362 19.13 -20.82 -8.92
C VAL B 362 19.60 -20.02 -7.70
N GLN B 363 18.82 -20.06 -6.61
CA GLN B 363 19.24 -19.39 -5.39
C GLN B 363 20.56 -19.98 -4.86
N LYS B 364 20.70 -21.30 -4.84
CA LYS B 364 21.98 -21.94 -4.47
C LYS B 364 23.08 -21.28 -5.28
N ARG B 365 22.89 -21.28 -6.59
CA ARG B 365 23.78 -20.67 -7.56
C ARG B 365 24.11 -19.20 -7.25
N LEU B 366 23.15 -18.49 -6.63
CA LEU B 366 23.32 -17.05 -6.35
C LEU B 366 23.94 -16.70 -5.01
N ASN B 367 24.10 -17.67 -4.11
CA ASN B 367 24.68 -17.39 -2.78
C ASN B 367 26.06 -16.74 -2.83
N GLY B 368 26.23 -15.66 -2.07
CA GLY B 368 27.45 -14.90 -2.07
C GLY B 368 27.49 -13.78 -3.11
N GLU B 369 26.46 -13.65 -3.93
CA GLU B 369 26.40 -12.58 -4.93
C GLU B 369 26.47 -11.22 -4.24
N ALA B 370 27.06 -10.25 -4.93
CA ALA B 370 27.33 -8.91 -4.39
C ALA B 370 26.06 -8.16 -3.96
N LEU B 371 24.92 -8.53 -4.54
CA LEU B 371 23.64 -7.91 -4.19
C LEU B 371 23.29 -8.11 -2.70
N GLU B 372 23.75 -9.21 -2.11
CA GLU B 372 23.39 -9.60 -0.73
C GLU B 372 23.64 -8.56 0.33
N GLU B 373 24.67 -7.74 0.13
CA GLU B 373 24.97 -6.63 1.02
C GLU B 373 23.81 -5.61 1.12
N TYR B 374 22.88 -5.70 0.18
CA TYR B 374 21.83 -4.70 0.02
C TYR B 374 20.43 -5.28 0.15
N VAL B 375 20.32 -6.60 0.26
CA VAL B 375 19.01 -7.24 0.35
C VAL B 375 18.99 -8.23 1.48
N LYS B 376 17.80 -8.45 2.02
CA LYS B 376 17.65 -9.28 3.18
C LYS B 376 16.32 -10.02 3.07
N PRO B 377 16.39 -11.29 2.69
CA PRO B 377 15.22 -12.12 2.67
C PRO B 377 14.71 -12.39 4.09
N ILE B 378 13.40 -12.17 4.31
CA ILE B 378 12.81 -12.28 5.63
C ILE B 378 11.58 -13.20 5.72
N GLY B 379 11.04 -13.64 4.58
CA GLY B 379 9.88 -14.52 4.64
C GLY B 379 9.43 -15.16 3.34
N GLY B 380 8.22 -15.70 3.33
CA GLY B 380 7.70 -16.48 2.20
C GLY B 380 7.64 -17.98 2.49
N GLY B 381 7.82 -18.79 1.45
CA GLY B 381 7.90 -20.21 1.62
C GLY B 381 7.66 -20.87 0.30
N TYR B 382 7.58 -22.21 0.31
CA TYR B 382 7.25 -22.98 -0.88
C TYR B 382 5.85 -23.55 -0.82
N PHE B 383 5.21 -23.59 -1.98
CA PHE B 383 3.83 -23.99 -2.05
C PHE B 383 3.64 -24.64 -3.41
N PHE B 384 2.60 -25.45 -3.55
CA PHE B 384 2.26 -25.98 -4.86
C PHE B 384 0.93 -25.46 -5.35
N ALA B 385 0.96 -24.82 -6.51
CA ALA B 385 -0.25 -24.24 -7.06
C ALA B 385 -1.04 -25.35 -7.71
N LEU B 386 -2.29 -25.49 -7.28
CA LEU B 386 -3.19 -26.51 -7.79
C LEU B 386 -3.45 -26.38 -9.30
N PRO B 387 -4.01 -27.45 -9.91
CA PRO B 387 -4.60 -27.45 -11.23
C PRO B 387 -5.77 -26.50 -11.32
N GLY B 388 -6.05 -25.98 -12.51
CA GLY B 388 -7.24 -25.16 -12.71
C GLY B 388 -8.54 -25.89 -12.41
N VAL B 389 -9.60 -25.11 -12.21
CA VAL B 389 -10.92 -25.63 -12.07
C VAL B 389 -11.50 -25.65 -13.49
N LYS B 390 -11.85 -26.84 -13.97
CA LYS B 390 -12.23 -27.01 -15.38
C LYS B 390 -13.55 -26.31 -15.74
N ASP B 391 -14.54 -26.41 -14.86
CA ASP B 391 -15.78 -25.62 -14.98
C ASP B 391 -16.57 -25.69 -13.67
N ALA B 392 -17.79 -25.16 -13.69
CA ALA B 392 -18.61 -25.00 -12.48
C ALA B 392 -18.93 -26.27 -11.68
N ASN B 393 -18.68 -27.44 -12.26
CA ASN B 393 -18.87 -28.70 -11.54
C ASN B 393 -17.58 -29.26 -10.95
N ASP B 394 -16.47 -28.66 -11.35
CA ASP B 394 -15.16 -29.00 -10.79
C ASP B 394 -14.83 -28.09 -9.59
N TYR B 395 -13.86 -28.50 -8.78
CA TYR B 395 -13.38 -27.72 -7.65
C TYR B 395 -11.89 -27.93 -7.36
N PHE B 396 -11.33 -27.03 -6.57
CA PHE B 396 -9.96 -27.12 -6.08
C PHE B 396 -9.75 -28.46 -5.40
N GLY B 397 -8.70 -29.16 -5.79
CA GLY B 397 -8.38 -30.44 -5.18
C GLY B 397 -9.41 -31.53 -5.43
N SER B 398 -10.23 -31.40 -6.48
CA SER B 398 -11.13 -32.49 -6.84
C SER B 398 -10.32 -33.74 -7.18
N ALA B 399 -9.21 -33.53 -7.90
CA ALA B 399 -8.30 -34.61 -8.22
C ALA B 399 -7.55 -35.12 -6.98
N LEU B 400 -7.05 -34.19 -6.16
CA LEU B 400 -6.29 -34.57 -4.99
C LEU B 400 -7.11 -35.33 -3.97
N LEU B 401 -8.34 -34.89 -3.74
CA LEU B 401 -9.15 -35.50 -2.68
C LEU B 401 -9.79 -36.84 -3.07
N ARG B 402 -9.82 -37.12 -4.38
CA ARG B 402 -10.29 -38.41 -4.90
C ARG B 402 -9.16 -39.46 -4.89
N VAL B 403 -8.68 -39.82 -6.08
CA VAL B 403 -7.59 -40.80 -6.31
C VAL B 403 -7.82 -42.23 -5.76
#